data_6PYC
#
_entry.id   6PYC
#
_cell.length_a   128.483
_cell.length_b   128.483
_cell.length_c   333.335
_cell.angle_alpha   90.000
_cell.angle_beta   90.000
_cell.angle_gamma   90.000
#
_symmetry.space_group_name_H-M   'I 4 2 2'
#
loop_
_entity.id
_entity.type
_entity.pdbx_description
1 polymer 'KoH body Fab heavy chain'
2 polymer 'KoH body Fab light chain'
3 polymer 'anti-kappa antibody Fab heavy chain'
4 polymer 'anti-kappa antibody Fab light chain'
5 non-polymer (3beta,5beta,14alpha,15beta)-3,5-dihydroxy-14,15-epoxybufa-20,22-dienolide
6 non-polymer 'SULFATE ION'
#
loop_
_entity_poly.entity_id
_entity_poly.type
_entity_poly.pdbx_seq_one_letter_code
_entity_poly.pdbx_strand_id
1 'polypeptide(L)'
;DIVMTQSPDSLAVSLGERATINCKSSQSVLYSSNNKNYLAWFQQKPGQPPKLLIYWASLRESGVSDRFSGSGSGTDFTLT
ISGLQAEDVAVYYCQQYYSILWTFGQGTKVEIKSTKGPSVFPLAPCSRSTSESTAALGCLVKDYFPEPVTVSWNSGALTS
GVHTFPAVLQSSGLYSLSSVVTVPSSSLGTKTYTCNVDHKPSNTKVDKRVESKY
;
H
2 'polypeptide(L)'
;EIVLTQSPGTLSLSPGERATLSCRASQSVGNNYLAWFQQKPGQAPRLLIYGASSRATGIPDRFSGSGSGTDFTLTISRLE
PEDFVVYYCQQYSRSPYIFGQGTKLEIKRTVAAPSVFIFPPSDEQLKSGTASVVCLLNNFYPREAKVQWKVDNALQSGNS
QESVTEQDSKDSTYSLSSTLTLSKADYEKHKVYACEVTHQGLSSPVTKSFNRGEC
;
L
3 'polypeptide(L)'
;EVKLLESGGGLVQPGRSLRLSCIASGFDFSGYWMTWVRQAPGKGLEWIGDINPDSSTINSTPSLKDKVIISRDNAKNTLF
LQMSKVRSEDTALYYCAQRGNYVPFPYWGQGTLVTVSAAKTTPPSVYPLAPGSAAQTNSMVTLGCLVKGYFPEPVTVTWN
SGSLSSGVHTFPAVLQSDLYTLSSSVTVPSSTWPSETVTCNVAHPASSTKVDKKIVPRDCGCK
;
A
4 'polypeptide(L)'
;SIVMTQTPKFLFVSAGDRVTITCKASQSVSNDVEWYQQKPGQSPKLMIYFASKRYNGVPDRFTGSGFGTEFTFTISTVQA
EDLAVYFCQQDYSSPWTFGGGTKLEIKRADAAPTVSIFPPSSEQLTSGGASVVCFLNNFYPKDINVKWKIDGSERQNGVL
NSWTDQDSKDSTYSMSSTLTLTKDEYERHNSYTCEATHKTSTSPIVKSFNRGEC
;
B
#
loop_
_chem_comp.id
_chem_comp.type
_chem_comp.name
_chem_comp.formula
P4S non-polymer (3beta,5beta,14alpha,15beta)-3,5-dihydroxy-14,15-epoxybufa-20,22-dienolide 'C24 H32 O5'
SO4 non-polymer 'SULFATE ION' 'O4 S -2'
#
# COMPACT_ATOMS: atom_id res chain seq x y z
N ILE A 2 -3.69 -13.12 -43.79
CA ILE A 2 -4.40 -14.43 -43.97
C ILE A 2 -5.27 -14.70 -42.74
N VAL A 3 -6.56 -14.93 -42.93
CA VAL A 3 -7.55 -15.09 -41.82
C VAL A 3 -7.97 -16.56 -41.72
N MET A 4 -7.93 -17.14 -40.51
CA MET A 4 -8.43 -18.50 -40.19
C MET A 4 -9.82 -18.37 -39.56
N THR A 5 -10.82 -19.05 -40.13
CA THR A 5 -12.19 -19.18 -39.55
C THR A 5 -12.44 -20.64 -39.17
N GLN A 6 -12.77 -20.90 -37.90
CA GLN A 6 -13.16 -22.26 -37.43
C GLN A 6 -14.68 -22.35 -37.37
N SER A 7 -15.20 -23.57 -37.44
CA SER A 7 -16.60 -23.93 -37.09
C SER A 7 -16.73 -25.43 -36.90
N PRO A 8 -17.59 -25.89 -35.95
CA PRO A 8 -18.34 -25.00 -35.08
C PRO A 8 -17.45 -24.29 -34.05
N ASP A 9 -18.03 -23.34 -33.31
CA ASP A 9 -17.33 -22.51 -32.29
C ASP A 9 -17.34 -23.24 -30.95
N SER A 10 -18.41 -24.00 -30.67
CA SER A 10 -18.52 -24.91 -29.50
C SER A 10 -19.10 -26.24 -29.96
N LEU A 11 -18.67 -27.33 -29.34
CA LEU A 11 -18.96 -28.72 -29.78
C LEU A 11 -19.23 -29.60 -28.55
N ALA A 12 -20.41 -30.21 -28.53
CA ALA A 12 -20.84 -31.12 -27.45
C ALA A 12 -20.93 -32.52 -28.07
N VAL A 13 -20.09 -33.45 -27.62
CA VAL A 13 -20.06 -34.84 -28.16
C VAL A 13 -20.00 -35.82 -26.99
N SER A 14 -20.88 -36.82 -26.99
CA SER A 14 -21.00 -37.85 -25.92
C SER A 14 -19.63 -38.53 -25.75
N LEU A 15 -19.35 -39.03 -24.54
CA LEU A 15 -18.02 -39.59 -24.18
C LEU A 15 -17.75 -40.83 -25.04
N GLY A 16 -16.57 -40.89 -25.65
CA GLY A 16 -16.11 -42.01 -26.51
C GLY A 16 -16.50 -41.82 -27.97
N GLU A 17 -17.37 -40.85 -28.30
CA GLU A 17 -17.85 -40.58 -29.67
C GLU A 17 -16.79 -39.81 -30.47
N ARG A 18 -16.99 -39.68 -31.79
CA ARG A 18 -16.07 -38.95 -32.70
C ARG A 18 -16.45 -37.48 -32.73
N ALA A 19 -15.46 -36.59 -32.64
CA ALA A 19 -15.61 -35.12 -32.63
C ALA A 19 -14.84 -34.52 -33.80
N THR A 20 -15.45 -33.58 -34.54
CA THR A 20 -14.89 -33.00 -35.80
C THR A 20 -14.97 -31.48 -35.77
N ILE A 21 -13.83 -30.82 -36.03
CA ILE A 21 -13.67 -29.34 -36.06
C ILE A 21 -13.11 -28.95 -37.43
N ASN A 22 -13.72 -27.97 -38.11
CA ASN A 22 -13.27 -27.48 -39.44
C ASN A 22 -12.55 -26.15 -39.30
N CYS A 23 -11.53 -25.94 -40.14
CA CYS A 23 -10.75 -24.68 -40.23
C CYS A 23 -10.59 -24.30 -41.71
N LYS A 24 -10.95 -23.07 -42.06
CA LYS A 24 -10.87 -22.56 -43.45
C LYS A 24 -9.97 -21.34 -43.49
N SER A 25 -9.04 -21.28 -44.44
CA SER A 25 -8.14 -20.11 -44.66
C SER A 25 -8.75 -19.23 -45.74
N SER A 26 -8.59 -17.91 -45.62
CA SER A 26 -9.04 -16.89 -46.62
C SER A 26 -8.21 -17.02 -47.91
N GLN A 27 -7.00 -17.56 -47.82
CA GLN A 27 -6.07 -17.79 -48.95
C GLN A 27 -5.50 -19.21 -48.87
N SER A 28 -5.21 -19.83 -50.01
CA SER A 28 -4.56 -21.17 -50.08
C SER A 28 -3.26 -21.14 -49.27
N VAL A 29 -3.04 -22.16 -48.44
CA VAL A 29 -1.77 -22.32 -47.66
C VAL A 29 -1.07 -23.60 -48.14
N LEU A 30 -1.50 -24.12 -49.30
CA LEU A 30 -0.78 -25.16 -50.07
C LEU A 30 0.40 -24.48 -50.77
N TYR A 31 1.62 -24.97 -50.57
CA TYR A 31 2.80 -24.35 -51.21
C TYR A 31 3.14 -25.14 -52.48
N SER A 32 2.66 -24.62 -53.61
CA SER A 32 2.87 -25.15 -54.97
C SER A 32 4.17 -25.96 -55.08
N SER A 33 5.30 -25.36 -54.71
CA SER A 33 6.66 -25.85 -55.09
C SER A 33 7.02 -27.16 -54.38
N ASN A 34 6.61 -27.39 -53.12
CA ASN A 34 6.97 -28.63 -52.38
C ASN A 34 5.73 -29.50 -52.10
N ASN A 35 4.52 -28.94 -52.25
CA ASN A 35 3.21 -29.64 -52.13
C ASN A 35 2.86 -29.81 -50.64
N LYS A 36 3.20 -28.84 -49.79
CA LYS A 36 2.99 -28.93 -48.32
C LYS A 36 1.95 -27.90 -47.88
N ASN A 37 1.18 -28.26 -46.86
CA ASN A 37 0.23 -27.33 -46.20
C ASN A 37 0.90 -26.79 -44.95
N TYR A 38 0.91 -25.47 -44.81
CA TYR A 38 1.52 -24.77 -43.66
C TYR A 38 0.40 -24.49 -42.67
N LEU A 39 -0.16 -25.56 -42.12
CA LEU A 39 -1.27 -25.50 -41.14
C LEU A 39 -0.93 -26.39 -39.95
N ALA A 40 -1.21 -25.89 -38.76
CA ALA A 40 -0.94 -26.56 -37.47
C ALA A 40 -2.20 -26.57 -36.63
N TRP A 41 -2.27 -27.45 -35.64
CA TRP A 41 -3.40 -27.55 -34.68
C TRP A 41 -2.86 -27.48 -33.27
N PHE A 42 -3.59 -26.80 -32.38
CA PHE A 42 -3.22 -26.65 -30.95
C PHE A 42 -4.38 -27.05 -30.03
N GLN A 43 -4.02 -27.62 -28.89
CA GLN A 43 -4.92 -27.87 -27.76
C GLN A 43 -4.53 -26.87 -26.67
N GLN A 44 -5.51 -26.28 -25.98
CA GLN A 44 -5.22 -25.43 -24.80
C GLN A 44 -6.29 -25.69 -23.75
N LYS A 45 -5.86 -26.19 -22.59
CA LYS A 45 -6.72 -26.45 -21.41
C LYS A 45 -6.64 -25.24 -20.49
N PRO A 46 -7.67 -25.02 -19.65
CA PRO A 46 -7.71 -23.88 -18.73
C PRO A 46 -6.39 -23.71 -17.97
N GLY A 47 -5.87 -22.47 -17.93
CA GLY A 47 -4.74 -22.05 -17.10
C GLY A 47 -3.43 -22.68 -17.53
N GLN A 48 -3.29 -22.99 -18.83
CA GLN A 48 -2.08 -23.66 -19.38
C GLN A 48 -1.73 -23.07 -20.74
N PRO A 49 -0.45 -23.19 -21.17
CA PRO A 49 -0.06 -22.81 -22.52
C PRO A 49 -0.66 -23.76 -23.55
N PRO A 50 -0.69 -23.36 -24.85
CA PRO A 50 -1.04 -24.27 -25.93
C PRO A 50 -0.08 -25.46 -26.08
N LYS A 51 -0.61 -26.57 -26.61
CA LYS A 51 0.11 -27.83 -26.86
C LYS A 51 0.02 -28.08 -28.37
N LEU A 52 1.16 -28.12 -29.08
CA LEU A 52 1.18 -28.42 -30.52
C LEU A 52 0.76 -29.88 -30.73
N LEU A 53 -0.26 -30.12 -31.54
CA LEU A 53 -0.77 -31.48 -31.83
C LEU A 53 -0.35 -31.88 -33.25
N ILE A 54 -0.79 -31.13 -34.23
CA ILE A 54 -0.58 -31.46 -35.67
C ILE A 54 0.19 -30.30 -36.30
N TYR A 55 1.00 -30.60 -37.31
CA TYR A 55 1.46 -29.58 -38.30
C TYR A 55 1.70 -30.29 -39.64
N TRP A 56 2.05 -29.49 -40.64
CA TRP A 56 1.98 -29.88 -42.07
C TRP A 56 0.58 -30.46 -42.33
N ALA A 57 -0.44 -29.90 -41.67
CA ALA A 57 -1.88 -30.23 -41.81
C ALA A 57 -2.22 -31.58 -41.15
N SER A 58 -1.36 -32.59 -41.29
CA SER A 58 -1.72 -33.99 -40.95
C SER A 58 -0.64 -34.72 -40.12
N LEU A 59 0.55 -34.15 -39.94
CA LEU A 59 1.64 -34.87 -39.22
C LEU A 59 1.44 -34.69 -37.71
N ARG A 60 1.32 -35.79 -36.96
CA ARG A 60 1.24 -35.79 -35.47
C ARG A 60 2.62 -35.47 -34.91
N GLU A 61 2.71 -34.43 -34.06
CA GLU A 61 3.90 -34.10 -33.24
C GLU A 61 4.16 -35.24 -32.26
N SER A 62 5.41 -35.45 -31.84
CA SER A 62 5.81 -36.49 -30.85
C SER A 62 4.88 -36.46 -29.63
N GLY A 63 4.43 -37.64 -29.17
CA GLY A 63 3.63 -37.83 -27.96
C GLY A 63 2.21 -37.30 -28.10
N VAL A 64 1.71 -37.13 -29.32
CA VAL A 64 0.27 -36.84 -29.56
C VAL A 64 -0.40 -38.17 -29.88
N SER A 65 -1.48 -38.49 -29.17
CA SER A 65 -2.15 -39.82 -29.24
C SER A 65 -2.71 -40.05 -30.64
N ASP A 66 -2.77 -41.33 -31.02
CA ASP A 66 -3.17 -41.83 -32.35
C ASP A 66 -4.55 -41.30 -32.73
N ARG A 67 -5.45 -41.11 -31.75
CA ARG A 67 -6.87 -40.74 -32.00
C ARG A 67 -6.97 -39.33 -32.60
N PHE A 68 -5.97 -38.46 -32.40
CA PHE A 68 -5.92 -37.09 -32.99
C PHE A 68 -5.42 -37.16 -34.42
N SER A 69 -6.20 -36.70 -35.40
CA SER A 69 -5.81 -36.77 -36.83
C SER A 69 -6.46 -35.64 -37.63
N GLY A 70 -5.64 -34.71 -38.11
CA GLY A 70 -6.03 -33.64 -39.04
C GLY A 70 -5.99 -34.12 -40.48
N SER A 71 -6.67 -33.43 -41.40
CA SER A 71 -6.77 -33.81 -42.83
C SER A 71 -7.26 -32.62 -43.66
N GLY A 72 -7.25 -32.78 -44.99
CA GLY A 72 -7.67 -31.77 -45.98
C GLY A 72 -6.52 -30.84 -46.34
N SER A 73 -6.62 -30.14 -47.47
CA SER A 73 -5.57 -29.19 -47.91
C SER A 73 -6.12 -28.14 -48.87
N GLY A 74 -5.39 -27.03 -48.98
CA GLY A 74 -5.69 -25.88 -49.85
C GLY A 74 -6.25 -24.72 -49.05
N THR A 75 -7.53 -24.79 -48.71
CA THR A 75 -8.27 -23.72 -48.00
C THR A 75 -9.15 -24.32 -46.88
N ASP A 76 -9.50 -25.60 -46.97
CA ASP A 76 -10.40 -26.30 -46.01
C ASP A 76 -9.65 -27.46 -45.34
N PHE A 77 -9.64 -27.49 -44.01
CA PHE A 77 -8.91 -28.49 -43.18
C PHE A 77 -9.82 -28.98 -42.06
N THR A 78 -9.42 -30.07 -41.40
CA THR A 78 -10.23 -30.73 -40.34
C THR A 78 -9.34 -31.42 -39.31
N LEU A 79 -9.67 -31.24 -38.03
CA LEU A 79 -9.13 -32.05 -36.91
C LEU A 79 -10.25 -32.96 -36.40
N THR A 80 -9.98 -34.26 -36.31
CA THR A 80 -10.92 -35.28 -35.80
C THR A 80 -10.30 -36.00 -34.61
N ILE A 81 -11.07 -36.15 -33.54
CA ILE A 81 -10.70 -36.98 -32.36
C ILE A 81 -11.56 -38.24 -32.42
N SER A 82 -10.95 -39.38 -32.79
CA SER A 82 -11.64 -40.64 -33.14
C SER A 82 -12.40 -41.18 -31.94
N GLY A 83 -11.75 -41.26 -30.77
CA GLY A 83 -12.35 -41.74 -29.52
C GLY A 83 -12.24 -40.70 -28.43
N LEU A 84 -13.24 -39.82 -28.29
CA LEU A 84 -13.21 -38.66 -27.37
C LEU A 84 -13.20 -39.13 -25.91
N GLN A 85 -12.26 -38.61 -25.12
CA GLN A 85 -12.08 -38.95 -23.68
C GLN A 85 -12.24 -37.69 -22.84
N ALA A 86 -12.48 -37.86 -21.53
CA ALA A 86 -12.65 -36.78 -20.54
C ALA A 86 -11.49 -35.79 -20.61
N GLU A 87 -10.25 -36.28 -20.80
CA GLU A 87 -9.00 -35.48 -20.78
C GLU A 87 -8.85 -34.67 -22.07
N ASP A 88 -9.65 -34.96 -23.11
CA ASP A 88 -9.59 -34.25 -24.42
C ASP A 88 -10.45 -32.98 -24.39
N VAL A 89 -11.20 -32.74 -23.31
CA VAL A 89 -12.06 -31.52 -23.15
C VAL A 89 -11.13 -30.31 -22.99
N ALA A 90 -11.18 -29.38 -23.96
CA ALA A 90 -10.22 -28.27 -24.12
C ALA A 90 -10.67 -27.31 -25.23
N VAL A 91 -9.85 -26.28 -25.48
CA VAL A 91 -10.01 -25.37 -26.65
C VAL A 91 -9.00 -25.79 -27.72
N TYR A 92 -9.44 -25.82 -28.99
CA TYR A 92 -8.60 -26.21 -30.14
C TYR A 92 -8.50 -25.04 -31.11
N TYR A 93 -7.27 -24.68 -31.50
CA TYR A 93 -6.99 -23.67 -32.55
C TYR A 93 -6.27 -24.34 -33.74
N CYS A 94 -6.57 -23.85 -34.94
CA CYS A 94 -5.71 -24.04 -36.13
C CYS A 94 -4.86 -22.78 -36.29
N GLN A 95 -3.69 -22.93 -36.88
CA GLN A 95 -2.72 -21.82 -37.09
C GLN A 95 -2.14 -21.99 -38.48
N GLN A 96 -2.03 -20.90 -39.25
CA GLN A 96 -1.29 -20.90 -40.55
C GLN A 96 0.11 -20.32 -40.31
N TYR A 97 1.12 -20.97 -40.88
CA TYR A 97 2.52 -20.48 -40.85
C TYR A 97 3.01 -20.41 -42.30
N TYR A 98 2.10 -20.18 -43.23
CA TYR A 98 2.37 -20.06 -44.69
C TYR A 98 3.22 -18.81 -44.94
N SER A 99 3.01 -17.77 -44.14
CA SER A 99 3.63 -16.43 -44.28
C SER A 99 4.05 -15.92 -42.90
N ILE A 100 5.25 -15.32 -42.78
CA ILE A 100 5.84 -14.85 -41.49
C ILE A 100 4.84 -13.92 -40.78
N LEU A 101 3.73 -14.49 -40.35
CA LEU A 101 2.61 -13.77 -39.69
C LEU A 101 1.68 -14.87 -39.21
N TRP A 102 2.13 -15.63 -38.23
CA TRP A 102 1.35 -16.79 -37.79
C TRP A 102 0.02 -16.23 -37.28
N THR A 103 -1.07 -16.80 -37.77
CA THR A 103 -2.44 -16.43 -37.35
C THR A 103 -3.15 -17.72 -36.95
N PHE A 104 -3.95 -17.63 -35.89
CA PHE A 104 -4.78 -18.72 -35.34
C PHE A 104 -6.23 -18.48 -35.75
N GLY A 105 -7.03 -19.53 -35.83
CA GLY A 105 -8.50 -19.41 -35.82
C GLY A 105 -8.95 -18.80 -34.50
N GLN A 106 -10.24 -18.45 -34.39
CA GLN A 106 -10.83 -17.87 -33.15
C GLN A 106 -10.93 -18.98 -32.07
N GLY A 107 -10.86 -20.26 -32.47
CA GLY A 107 -10.82 -21.40 -31.53
C GLY A 107 -12.16 -22.10 -31.43
N THR A 108 -12.17 -23.35 -30.94
CA THR A 108 -13.40 -24.18 -30.76
C THR A 108 -13.36 -24.86 -29.38
N LYS A 109 -14.38 -24.60 -28.55
CA LYS A 109 -14.58 -25.29 -27.25
C LYS A 109 -15.20 -26.67 -27.51
N VAL A 110 -14.67 -27.73 -26.90
CA VAL A 110 -15.23 -29.11 -27.02
C VAL A 110 -15.58 -29.67 -25.61
N GLU A 111 -16.75 -30.29 -25.48
CA GLU A 111 -17.31 -30.74 -24.17
C GLU A 111 -18.25 -31.94 -24.34
N ILE A 112 -18.79 -32.43 -23.22
CA ILE A 112 -19.70 -33.61 -23.10
C ILE A 112 -21.16 -33.13 -23.01
N LYS A 113 -22.07 -33.78 -23.75
CA LYS A 113 -23.51 -33.40 -23.87
C LYS A 113 -24.26 -33.58 -22.54
N SER A 114 -25.36 -32.85 -22.34
CA SER A 114 -26.28 -32.94 -21.17
C SER A 114 -27.58 -32.14 -21.41
N THR A 115 -27.57 -30.81 -21.16
CA THR A 115 -28.46 -29.69 -21.66
C THR A 115 -29.40 -29.08 -20.59
N LYS A 116 -29.06 -29.16 -19.30
CA LYS A 116 -29.94 -28.88 -18.12
C LYS A 116 -30.04 -27.38 -17.77
N GLY A 117 -31.14 -26.96 -17.13
CA GLY A 117 -31.33 -25.60 -16.58
C GLY A 117 -30.61 -25.46 -15.23
N PRO A 118 -30.51 -24.24 -14.64
CA PRO A 118 -29.73 -24.03 -13.43
C PRO A 118 -30.56 -24.34 -12.17
N SER A 119 -29.88 -24.46 -11.03
CA SER A 119 -30.46 -24.55 -9.67
C SER A 119 -29.93 -23.36 -8.87
N VAL A 120 -30.79 -22.60 -8.20
CA VAL A 120 -30.33 -21.42 -7.43
C VAL A 120 -30.67 -21.65 -5.95
N PHE A 121 -29.72 -21.34 -5.08
CA PHE A 121 -29.84 -21.45 -3.61
C PHE A 121 -29.32 -20.19 -2.95
N PRO A 122 -29.88 -19.78 -1.79
CA PRO A 122 -29.41 -18.60 -1.09
C PRO A 122 -28.10 -18.85 -0.33
N LEU A 123 -27.09 -18.02 -0.57
CA LEU A 123 -25.91 -17.89 0.31
C LEU A 123 -26.24 -16.82 1.36
N ALA A 124 -26.54 -17.25 2.58
CA ALA A 124 -26.93 -16.40 3.72
C ALA A 124 -26.33 -17.00 4.98
N PRO A 125 -25.76 -16.20 5.90
CA PRO A 125 -24.99 -16.72 7.03
C PRO A 125 -25.83 -16.92 8.30
N CYS A 126 -25.23 -17.47 9.35
CA CYS A 126 -25.82 -17.54 10.72
C CYS A 126 -25.70 -16.16 11.40
N THR A 134 -21.63 -3.83 7.94
CA THR A 134 -21.71 -4.50 6.61
C THR A 134 -21.87 -6.02 6.79
N ALA A 135 -22.83 -6.61 6.05
CA ALA A 135 -23.07 -8.07 5.98
C ALA A 135 -22.92 -8.53 4.52
N ALA A 136 -22.55 -9.80 4.33
CA ALA A 136 -22.48 -10.46 3.00
C ALA A 136 -23.70 -11.34 2.83
N LEU A 137 -24.18 -11.47 1.61
CA LEU A 137 -25.17 -12.51 1.20
C LEU A 137 -24.95 -12.78 -0.29
N GLY A 138 -25.67 -13.76 -0.86
CA GLY A 138 -25.37 -14.18 -2.24
C GLY A 138 -26.27 -15.26 -2.80
N CYS A 139 -25.91 -15.75 -3.99
CA CYS A 139 -26.61 -16.82 -4.72
C CYS A 139 -25.60 -17.87 -5.19
N LEU A 140 -25.98 -19.15 -5.03
CA LEU A 140 -25.23 -20.31 -5.56
C LEU A 140 -26.02 -20.86 -6.74
N VAL A 141 -25.43 -20.82 -7.94
CA VAL A 141 -26.06 -21.33 -9.20
C VAL A 141 -25.36 -22.64 -9.55
N LYS A 142 -26.07 -23.75 -9.39
CA LYS A 142 -25.49 -25.11 -9.31
C LYS A 142 -26.07 -25.98 -10.43
N ASP A 143 -25.25 -26.89 -10.96
CA ASP A 143 -25.68 -27.98 -11.88
C ASP A 143 -26.43 -27.39 -13.08
N TYR A 144 -25.72 -26.73 -13.99
CA TYR A 144 -26.29 -26.20 -15.26
C TYR A 144 -25.35 -26.50 -16.44
N PHE A 145 -25.93 -26.66 -17.63
CA PHE A 145 -25.22 -26.93 -18.90
C PHE A 145 -26.12 -26.56 -20.08
N PRO A 146 -25.58 -25.95 -21.16
CA PRO A 146 -24.18 -25.50 -21.20
C PRO A 146 -23.99 -24.10 -20.64
N GLU A 147 -22.76 -23.58 -20.68
CA GLU A 147 -22.48 -22.14 -20.51
C GLU A 147 -23.18 -21.38 -21.62
N PRO A 148 -23.45 -20.06 -21.46
CA PRO A 148 -23.24 -19.35 -20.20
C PRO A 148 -24.47 -18.96 -19.37
N VAL A 149 -24.21 -18.58 -18.12
CA VAL A 149 -25.18 -18.01 -17.15
C VAL A 149 -24.79 -16.57 -16.88
N THR A 150 -25.76 -15.66 -16.86
CA THR A 150 -25.59 -14.23 -16.46
C THR A 150 -26.38 -14.00 -15.16
N VAL A 151 -25.75 -13.42 -14.15
CA VAL A 151 -26.41 -13.15 -12.84
C VAL A 151 -26.46 -11.64 -12.65
N SER A 152 -27.64 -11.09 -12.33
CA SER A 152 -27.84 -9.69 -11.89
C SER A 152 -28.51 -9.67 -10.52
N TRP A 153 -28.55 -8.50 -9.88
CA TRP A 153 -29.20 -8.29 -8.55
C TRP A 153 -30.24 -7.19 -8.66
N ASN A 154 -31.48 -7.48 -8.22
CA ASN A 154 -32.63 -6.56 -8.28
C ASN A 154 -32.75 -6.01 -9.70
N SER A 155 -32.68 -6.91 -10.69
CA SER A 155 -32.77 -6.59 -12.14
C SER A 155 -31.80 -5.46 -12.49
N GLY A 156 -30.54 -5.60 -12.08
CA GLY A 156 -29.44 -4.69 -12.42
C GLY A 156 -29.50 -3.35 -11.70
N ALA A 157 -30.42 -3.18 -10.74
CA ALA A 157 -30.53 -1.95 -9.91
C ALA A 157 -29.36 -1.91 -8.91
N LEU A 158 -28.99 -3.06 -8.34
CA LEU A 158 -27.87 -3.18 -7.38
C LEU A 158 -26.65 -3.77 -8.08
N THR A 159 -25.55 -3.02 -8.13
CA THR A 159 -24.28 -3.41 -8.79
C THR A 159 -23.08 -3.10 -7.88
N SER A 160 -23.18 -2.10 -6.99
CA SER A 160 -22.08 -1.69 -6.08
C SER A 160 -21.82 -2.79 -5.05
N GLY A 161 -20.57 -3.25 -4.96
CA GLY A 161 -20.13 -4.27 -4.00
C GLY A 161 -20.53 -5.69 -4.41
N VAL A 162 -20.92 -5.89 -5.67
CA VAL A 162 -21.26 -7.23 -6.22
C VAL A 162 -19.98 -7.87 -6.78
N HIS A 163 -19.81 -9.18 -6.52
CA HIS A 163 -18.79 -10.05 -7.15
C HIS A 163 -19.48 -11.32 -7.66
N THR A 164 -19.47 -11.57 -8.97
CA THR A 164 -19.97 -12.83 -9.56
C THR A 164 -18.77 -13.61 -10.13
N PHE A 165 -18.50 -14.79 -9.55
CA PHE A 165 -17.27 -15.56 -9.78
C PHE A 165 -17.37 -16.34 -11.09
N PRO A 166 -16.22 -16.61 -11.73
CA PRO A 166 -16.19 -17.44 -12.95
C PRO A 166 -16.67 -18.86 -12.67
N ALA A 167 -17.41 -19.44 -13.62
CA ALA A 167 -17.99 -20.80 -13.51
C ALA A 167 -16.86 -21.84 -13.47
N VAL A 168 -17.11 -22.95 -12.78
CA VAL A 168 -16.19 -24.13 -12.75
C VAL A 168 -16.97 -25.35 -13.25
N LEU A 169 -16.27 -26.26 -13.93
CA LEU A 169 -16.84 -27.51 -14.48
C LEU A 169 -16.68 -28.61 -13.42
N GLN A 170 -17.80 -29.12 -12.92
CA GLN A 170 -17.83 -30.13 -11.83
C GLN A 170 -17.53 -31.52 -12.43
N SER A 171 -17.27 -32.51 -11.58
CA SER A 171 -17.09 -33.93 -11.95
C SER A 171 -18.31 -34.44 -12.74
N SER A 172 -19.48 -33.86 -12.48
CA SER A 172 -20.80 -34.22 -13.09
C SER A 172 -20.78 -34.00 -14.60
N GLY A 173 -19.90 -33.13 -15.11
CA GLY A 173 -19.97 -32.59 -16.48
C GLY A 173 -20.88 -31.37 -16.54
N LEU A 174 -21.37 -30.92 -15.37
CA LEU A 174 -22.25 -29.74 -15.22
C LEU A 174 -21.48 -28.60 -14.55
N TYR A 175 -21.88 -27.35 -14.82
CA TYR A 175 -21.24 -26.13 -14.28
C TYR A 175 -21.88 -25.71 -12.97
N SER A 176 -21.12 -24.95 -12.18
CA SER A 176 -21.61 -24.27 -10.95
C SER A 176 -20.85 -22.96 -10.76
N LEU A 177 -21.52 -21.96 -10.19
CA LEU A 177 -20.89 -20.66 -9.82
C LEU A 177 -21.62 -20.03 -8.64
N SER A 178 -21.02 -18.96 -8.11
CA SER A 178 -21.53 -18.15 -6.97
C SER A 178 -21.58 -16.68 -7.38
N SER A 179 -22.54 -15.94 -6.87
CA SER A 179 -22.60 -14.45 -6.94
C SER A 179 -22.86 -13.91 -5.54
N VAL A 180 -22.10 -12.92 -5.10
CA VAL A 180 -22.21 -12.38 -3.71
C VAL A 180 -22.26 -10.85 -3.76
N VAL A 181 -22.93 -10.27 -2.79
CA VAL A 181 -23.02 -8.80 -2.61
C VAL A 181 -22.88 -8.48 -1.12
N THR A 182 -22.05 -7.50 -0.79
CA THR A 182 -21.97 -6.92 0.58
C THR A 182 -22.95 -5.75 0.65
N VAL A 183 -23.73 -5.70 1.72
CA VAL A 183 -24.79 -4.66 1.93
C VAL A 183 -24.69 -4.14 3.35
N PRO A 184 -25.20 -2.92 3.62
CA PRO A 184 -25.41 -2.46 5.00
C PRO A 184 -26.24 -3.45 5.83
N SER A 185 -25.66 -3.92 6.94
CA SER A 185 -26.28 -4.94 7.85
C SER A 185 -27.57 -4.39 8.46
N SER A 186 -27.66 -3.06 8.62
CA SER A 186 -28.87 -2.36 9.14
C SER A 186 -30.05 -2.52 8.18
N SER A 187 -29.78 -2.65 6.88
CA SER A 187 -30.80 -2.63 5.80
C SER A 187 -31.47 -4.00 5.64
N LEU A 188 -30.98 -5.06 6.30
CA LEU A 188 -31.39 -6.46 6.03
C LEU A 188 -32.87 -6.67 6.39
N GLY A 189 -33.42 -5.87 7.31
CA GLY A 189 -34.83 -5.94 7.70
C GLY A 189 -35.77 -5.37 6.66
N THR A 190 -35.30 -4.42 5.83
CA THR A 190 -36.18 -3.48 5.06
C THR A 190 -36.04 -3.66 3.55
N LYS A 191 -34.84 -3.50 2.97
CA LYS A 191 -34.64 -3.51 1.50
C LYS A 191 -34.54 -4.95 1.00
N THR A 192 -35.17 -5.23 -0.15
CA THR A 192 -35.24 -6.57 -0.77
C THR A 192 -33.96 -6.83 -1.56
N TYR A 193 -33.40 -8.05 -1.46
CA TYR A 193 -32.27 -8.51 -2.28
C TYR A 193 -32.70 -9.75 -3.06
N THR A 194 -32.77 -9.62 -4.38
CA THR A 194 -33.16 -10.70 -5.32
C THR A 194 -32.03 -10.89 -6.34
N CYS A 195 -31.53 -12.12 -6.50
CA CYS A 195 -30.57 -12.42 -7.57
C CYS A 195 -31.32 -13.02 -8.76
N ASN A 196 -31.01 -12.52 -9.96
CA ASN A 196 -31.65 -12.89 -11.24
C ASN A 196 -30.64 -13.68 -12.07
N VAL A 197 -30.90 -14.96 -12.29
CA VAL A 197 -30.02 -15.87 -13.05
C VAL A 197 -30.67 -16.13 -14.41
N ASP A 198 -30.08 -15.60 -15.48
CA ASP A 198 -30.54 -15.85 -16.87
C ASP A 198 -29.67 -16.94 -17.52
N HIS A 199 -30.29 -18.02 -17.94
CA HIS A 199 -29.64 -19.15 -18.65
C HIS A 199 -30.24 -19.26 -20.05
N LYS A 200 -29.67 -18.54 -21.01
CA LYS A 200 -30.23 -18.36 -22.38
C LYS A 200 -30.37 -19.72 -23.08
N PRO A 201 -29.39 -20.66 -22.97
CA PRO A 201 -29.51 -21.96 -23.62
C PRO A 201 -30.71 -22.84 -23.20
N SER A 202 -31.09 -22.85 -21.91
CA SER A 202 -32.25 -23.63 -21.39
C SER A 202 -33.53 -22.81 -21.47
N ASN A 203 -33.42 -21.54 -21.84
CA ASN A 203 -34.59 -20.67 -22.16
C ASN A 203 -35.28 -20.28 -20.85
N THR A 204 -34.49 -19.98 -19.81
CA THR A 204 -34.88 -19.86 -18.37
C THR A 204 -34.31 -18.58 -17.76
N LYS A 205 -35.09 -17.89 -16.93
CA LYS A 205 -34.61 -16.90 -15.92
C LYS A 205 -35.15 -17.32 -14.57
N VAL A 206 -34.33 -17.27 -13.52
CA VAL A 206 -34.74 -17.64 -12.14
C VAL A 206 -34.36 -16.52 -11.18
N ASP A 207 -35.34 -16.07 -10.40
CA ASP A 207 -35.18 -14.92 -9.48
C ASP A 207 -35.35 -15.44 -8.06
N LYS A 208 -34.25 -15.53 -7.33
CA LYS A 208 -34.23 -16.07 -5.94
C LYS A 208 -34.05 -14.90 -4.98
N ARG A 209 -35.06 -14.60 -4.17
CA ARG A 209 -34.93 -13.62 -3.06
C ARG A 209 -34.08 -14.29 -1.98
N VAL A 210 -33.10 -13.55 -1.44
CA VAL A 210 -32.14 -14.06 -0.42
C VAL A 210 -32.39 -13.28 0.87
N GLU A 211 -32.66 -13.99 1.96
CA GLU A 211 -33.08 -13.39 3.24
C GLU A 211 -32.11 -13.81 4.36
N SER A 212 -32.13 -13.06 5.46
CA SER A 212 -31.15 -13.11 6.57
C SER A 212 -31.55 -14.17 7.61
N GLU B 1 14.80 -32.25 -24.90
CA GLU B 1 14.07 -31.10 -25.54
C GLU B 1 14.64 -29.78 -25.05
N ILE B 2 14.31 -28.68 -25.71
CA ILE B 2 14.51 -27.30 -25.18
C ILE B 2 13.33 -27.01 -24.26
N VAL B 3 13.56 -26.90 -22.97
CA VAL B 3 12.50 -26.43 -22.02
C VAL B 3 12.70 -24.94 -21.82
N LEU B 4 11.62 -24.18 -21.99
CA LEU B 4 11.63 -22.70 -21.84
C LEU B 4 11.00 -22.36 -20.49
N THR B 5 11.71 -21.58 -19.68
CA THR B 5 11.34 -21.27 -18.28
C THR B 5 11.14 -19.76 -18.16
N GLN B 6 9.90 -19.32 -18.01
CA GLN B 6 9.57 -17.88 -17.97
C GLN B 6 9.70 -17.37 -16.53
N SER B 7 10.19 -16.13 -16.39
CA SER B 7 10.44 -15.46 -15.09
C SER B 7 10.10 -13.98 -15.18
N PRO B 8 9.39 -13.41 -14.18
CA PRO B 8 8.77 -14.20 -13.11
C PRO B 8 7.41 -14.75 -13.60
N GLY B 9 6.70 -15.49 -12.75
CA GLY B 9 5.36 -16.05 -13.05
C GLY B 9 4.34 -14.95 -13.26
N THR B 10 4.34 -13.96 -12.34
CA THR B 10 3.47 -12.76 -12.39
C THR B 10 4.31 -11.51 -12.11
N LEU B 11 4.24 -10.53 -13.00
CA LEU B 11 4.97 -9.25 -12.88
C LEU B 11 3.96 -8.12 -12.61
N SER B 12 4.23 -7.31 -11.59
CA SER B 12 3.29 -6.31 -11.03
C SER B 12 3.77 -4.88 -11.35
N LEU B 13 3.09 -4.21 -12.27
CA LEU B 13 3.47 -2.87 -12.78
C LEU B 13 2.23 -1.98 -12.95
N SER B 14 2.45 -0.66 -12.96
CA SER B 14 1.42 0.38 -13.21
C SER B 14 1.45 0.77 -14.68
N PRO B 15 0.31 1.18 -15.28
CA PRO B 15 0.28 1.64 -16.67
C PRO B 15 1.17 2.87 -16.87
N GLY B 16 2.00 2.85 -17.91
CA GLY B 16 3.05 3.86 -18.16
C GLY B 16 4.43 3.29 -17.92
N GLU B 17 4.55 2.35 -16.98
CA GLU B 17 5.84 1.71 -16.60
C GLU B 17 6.29 0.75 -17.71
N ARG B 18 7.59 0.52 -17.79
CA ARG B 18 8.22 -0.46 -18.72
C ARG B 18 8.29 -1.81 -18.01
N ALA B 19 8.05 -2.89 -18.76
CA ALA B 19 8.13 -4.28 -18.26
C ALA B 19 9.22 -5.03 -19.00
N THR B 20 9.97 -5.87 -18.28
CA THR B 20 10.97 -6.81 -18.86
C THR B 20 10.64 -8.25 -18.42
N LEU B 21 10.06 -9.03 -19.33
CA LEU B 21 9.70 -10.46 -19.12
C LEU B 21 10.91 -11.28 -19.57
N SER B 22 11.21 -12.41 -18.91
CA SER B 22 12.39 -13.25 -19.25
C SER B 22 11.97 -14.67 -19.66
N CYS B 23 12.66 -15.21 -20.66
CA CYS B 23 12.50 -16.58 -21.21
C CYS B 23 13.90 -17.22 -21.24
N ARG B 24 14.14 -18.18 -20.34
CA ARG B 24 15.47 -18.83 -20.19
C ARG B 24 15.39 -20.24 -20.74
N ALA B 25 16.30 -20.59 -21.65
CA ALA B 25 16.31 -21.90 -22.36
C ALA B 25 17.32 -22.83 -21.69
N SER B 26 16.94 -24.10 -21.54
CA SER B 26 17.75 -25.20 -20.96
C SER B 26 18.92 -25.51 -21.89
N GLN B 27 18.70 -25.32 -23.19
CA GLN B 27 19.61 -25.75 -24.28
C GLN B 27 19.58 -24.64 -25.33
N SER B 28 20.75 -24.23 -25.83
CA SER B 28 20.93 -23.19 -26.88
C SER B 28 19.87 -23.32 -27.97
N VAL B 29 19.19 -22.23 -28.29
CA VAL B 29 18.13 -22.19 -29.34
C VAL B 29 18.76 -21.83 -30.68
N GLY B 30 18.75 -22.77 -31.63
CA GLY B 30 19.37 -22.62 -32.96
C GLY B 30 18.77 -21.46 -33.74
N ASN B 31 19.64 -20.69 -34.42
CA ASN B 31 19.26 -19.59 -35.35
C ASN B 31 18.39 -18.56 -34.61
N ASN B 32 18.44 -18.51 -33.28
CA ASN B 32 17.59 -17.63 -32.44
C ASN B 32 16.13 -17.73 -32.88
N TYR B 33 15.67 -18.92 -33.25
CA TYR B 33 14.26 -19.16 -33.62
C TYR B 33 13.42 -19.14 -32.34
N LEU B 34 13.26 -17.96 -31.76
CA LEU B 34 12.54 -17.74 -30.48
C LEU B 34 11.41 -16.73 -30.74
N ALA B 35 10.17 -17.13 -30.47
CA ALA B 35 8.96 -16.33 -30.76
C ALA B 35 8.25 -16.00 -29.45
N TRP B 36 7.62 -14.82 -29.39
CA TRP B 36 6.81 -14.34 -28.25
C TRP B 36 5.33 -14.23 -28.68
N PHE B 37 4.42 -14.66 -27.82
CA PHE B 37 2.96 -14.58 -28.08
C PHE B 37 2.28 -13.76 -26.99
N GLN B 38 1.31 -12.93 -27.38
CA GLN B 38 0.34 -12.33 -26.44
C GLN B 38 -0.89 -13.24 -26.42
N GLN B 39 -1.58 -13.30 -25.28
CA GLN B 39 -2.90 -13.96 -25.20
C GLN B 39 -3.76 -13.22 -24.18
N LYS B 40 -4.93 -12.78 -24.65
CA LYS B 40 -5.88 -11.97 -23.86
C LYS B 40 -7.02 -12.87 -23.43
N PRO B 41 -7.80 -12.50 -22.40
CA PRO B 41 -8.89 -13.34 -21.91
C PRO B 41 -9.88 -13.70 -23.02
N GLY B 42 -10.15 -14.99 -23.19
CA GLY B 42 -11.11 -15.52 -24.18
C GLY B 42 -10.72 -15.21 -25.61
N GLN B 43 -9.40 -15.19 -25.90
CA GLN B 43 -8.85 -14.93 -27.25
C GLN B 43 -7.75 -15.93 -27.60
N ALA B 44 -7.61 -16.24 -28.90
CA ALA B 44 -6.53 -17.07 -29.46
C ALA B 44 -5.21 -16.30 -29.36
N PRO B 45 -4.05 -16.98 -29.28
CA PRO B 45 -2.77 -16.29 -29.15
C PRO B 45 -2.46 -15.36 -30.33
N ARG B 46 -1.50 -14.46 -30.10
CA ARG B 46 -1.10 -13.39 -31.05
C ARG B 46 0.42 -13.39 -31.15
N LEU B 47 0.98 -13.59 -32.35
CA LEU B 47 2.43 -13.46 -32.56
C LEU B 47 2.80 -12.00 -32.33
N LEU B 48 3.75 -11.73 -31.44
CA LEU B 48 4.28 -10.38 -31.12
C LEU B 48 5.65 -10.19 -31.77
N ILE B 49 6.55 -11.13 -31.49
CA ILE B 49 8.00 -11.10 -31.87
C ILE B 49 8.38 -12.50 -32.37
N TYR B 50 9.23 -12.55 -33.39
CA TYR B 50 9.83 -13.80 -33.92
C TYR B 50 11.31 -13.52 -34.19
N GLY B 51 12.13 -14.57 -34.32
CA GLY B 51 13.59 -14.46 -34.51
C GLY B 51 14.23 -13.70 -33.38
N ALA B 52 13.77 -13.94 -32.15
CA ALA B 52 14.28 -13.35 -30.88
C ALA B 52 13.89 -11.88 -30.76
N SER B 53 14.05 -11.08 -31.82
CA SER B 53 13.98 -9.60 -31.78
C SER B 53 13.28 -8.97 -32.99
N SER B 54 12.63 -9.74 -33.87
CA SER B 54 11.86 -9.15 -35.01
C SER B 54 10.40 -8.94 -34.60
N ARG B 55 9.96 -7.68 -34.59
CA ARG B 55 8.55 -7.30 -34.33
C ARG B 55 7.70 -7.68 -35.55
N ALA B 56 6.65 -8.48 -35.35
CA ALA B 56 5.70 -8.90 -36.41
C ALA B 56 4.98 -7.66 -36.94
N THR B 57 4.43 -7.76 -38.15
CA THR B 57 3.68 -6.66 -38.80
C THR B 57 2.35 -6.49 -38.04
N GLY B 58 1.91 -5.24 -37.84
CA GLY B 58 0.67 -4.90 -37.10
C GLY B 58 0.90 -4.76 -35.61
N ILE B 59 2.07 -5.14 -35.09
CA ILE B 59 2.42 -5.03 -33.65
C ILE B 59 3.00 -3.64 -33.40
N PRO B 60 2.53 -2.91 -32.36
CA PRO B 60 3.02 -1.55 -32.11
C PRO B 60 4.49 -1.46 -31.67
N ASP B 61 5.09 -0.32 -32.00
CA ASP B 61 6.39 0.24 -31.49
C ASP B 61 6.86 -0.37 -30.17
N ARG B 62 6.00 -0.42 -29.14
CA ARG B 62 6.43 -0.51 -27.71
C ARG B 62 6.89 -1.92 -27.36
N PHE B 63 6.47 -2.94 -28.12
CA PHE B 63 6.91 -4.35 -27.95
C PHE B 63 8.23 -4.57 -28.71
N SER B 64 9.24 -5.08 -28.01
CA SER B 64 10.56 -5.40 -28.62
C SER B 64 11.18 -6.59 -27.90
N GLY B 65 11.73 -7.51 -28.68
CA GLY B 65 12.44 -8.70 -28.19
C GLY B 65 13.93 -8.47 -28.20
N SER B 66 14.64 -9.04 -27.23
CA SER B 66 16.11 -8.90 -27.09
C SER B 66 16.69 -10.24 -26.64
N GLY B 67 17.95 -10.51 -26.98
CA GLY B 67 18.75 -11.63 -26.44
C GLY B 67 19.02 -12.72 -27.46
N SER B 68 19.89 -13.67 -27.11
CA SER B 68 20.26 -14.81 -27.99
C SER B 68 20.56 -16.07 -27.18
N GLY B 69 20.27 -17.22 -27.81
CA GLY B 69 20.70 -18.56 -27.38
C GLY B 69 19.91 -19.08 -26.19
N THR B 70 20.23 -18.64 -24.96
CA THR B 70 19.57 -19.13 -23.72
C THR B 70 18.84 -18.00 -22.98
N ASP B 71 19.17 -16.74 -23.24
CA ASP B 71 18.64 -15.61 -22.44
C ASP B 71 17.86 -14.67 -23.37
N PHE B 72 16.56 -14.54 -23.15
CA PHE B 72 15.67 -13.70 -23.99
C PHE B 72 14.77 -12.85 -23.10
N THR B 73 14.55 -11.60 -23.51
CA THR B 73 13.62 -10.67 -22.83
C THR B 73 12.61 -10.14 -23.84
N LEU B 74 11.38 -9.93 -23.40
CA LEU B 74 10.38 -9.10 -24.11
C LEU B 74 10.23 -7.82 -23.28
N THR B 75 10.49 -6.66 -23.90
CA THR B 75 10.30 -5.35 -23.23
C THR B 75 9.06 -4.65 -23.81
N ILE B 76 8.14 -4.30 -22.92
CA ILE B 76 6.94 -3.49 -23.24
C ILE B 76 7.19 -2.10 -22.66
N SER B 77 7.57 -1.15 -23.53
CA SER B 77 8.27 0.08 -23.12
C SER B 77 7.33 1.04 -22.40
N ARG B 78 6.07 1.20 -22.86
CA ARG B 78 5.11 2.16 -22.25
C ARG B 78 3.75 1.49 -22.12
N LEU B 79 3.47 0.92 -20.93
CA LEU B 79 2.40 -0.08 -20.76
C LEU B 79 1.04 0.58 -20.90
N GLU B 80 0.22 0.04 -21.81
CA GLU B 80 -1.21 0.37 -21.95
C GLU B 80 -2.00 -0.58 -21.05
N PRO B 81 -3.13 -0.16 -20.44
CA PRO B 81 -3.84 -1.02 -19.50
C PRO B 81 -4.46 -2.27 -20.15
N GLU B 82 -4.69 -2.25 -21.47
CA GLU B 82 -5.16 -3.44 -22.23
C GLU B 82 -4.03 -4.48 -22.31
N ASP B 83 -2.76 -4.07 -22.17
CA ASP B 83 -1.55 -4.93 -22.34
C ASP B 83 -1.38 -5.90 -21.17
N PHE B 84 -2.10 -5.73 -20.06
CA PHE B 84 -1.95 -6.56 -18.82
C PHE B 84 -2.68 -7.89 -19.00
N VAL B 85 -1.93 -8.91 -19.43
CA VAL B 85 -2.46 -10.23 -19.89
C VAL B 85 -1.30 -11.21 -19.84
N VAL B 86 -1.49 -12.40 -20.42
CA VAL B 86 -0.46 -13.48 -20.44
C VAL B 86 0.45 -13.31 -21.67
N TYR B 87 1.74 -13.59 -21.49
CA TYR B 87 2.75 -13.58 -22.57
C TYR B 87 3.52 -14.90 -22.55
N TYR B 88 3.55 -15.60 -23.69
CA TYR B 88 4.26 -16.89 -23.83
C TYR B 88 5.47 -16.72 -24.74
N CYS B 89 6.55 -17.41 -24.40
CA CYS B 89 7.67 -17.66 -25.35
C CYS B 89 7.62 -19.12 -25.77
N GLN B 90 8.27 -19.42 -26.88
CA GLN B 90 8.08 -20.65 -27.70
C GLN B 90 9.19 -20.68 -28.74
N GLN B 91 9.90 -21.81 -28.85
CA GLN B 91 11.05 -21.95 -29.78
C GLN B 91 10.66 -22.88 -30.92
N TYR B 92 11.20 -22.64 -32.11
CA TYR B 92 10.88 -23.44 -33.32
C TYR B 92 12.18 -23.84 -34.04
N SER B 93 13.26 -24.06 -33.27
CA SER B 93 14.58 -24.49 -33.79
C SER B 93 14.73 -26.00 -33.77
N ARG B 94 13.98 -26.71 -32.91
CA ARG B 94 14.26 -28.14 -32.66
C ARG B 94 13.04 -28.79 -32.01
N SER B 95 12.66 -29.97 -32.49
CA SER B 95 11.46 -30.69 -32.04
C SER B 95 11.77 -31.41 -30.73
N PRO B 96 10.79 -31.68 -29.84
CA PRO B 96 9.42 -31.16 -29.95
C PRO B 96 9.25 -29.71 -29.50
N TYR B 97 8.32 -28.98 -30.13
CA TYR B 97 8.11 -27.53 -29.94
C TYR B 97 7.16 -27.36 -28.76
N ILE B 98 7.58 -26.58 -27.77
CA ILE B 98 6.93 -26.53 -26.43
C ILE B 98 6.87 -25.06 -26.00
N PHE B 99 5.87 -24.70 -25.20
CA PHE B 99 5.68 -23.30 -24.73
C PHE B 99 6.35 -23.13 -23.38
N GLY B 100 6.78 -21.89 -23.10
CA GLY B 100 7.01 -21.42 -21.73
C GLY B 100 5.72 -21.47 -20.96
N GLN B 101 5.78 -21.62 -19.63
CA GLN B 101 4.58 -21.80 -18.76
C GLN B 101 3.82 -20.49 -18.68
N GLY B 102 4.44 -19.36 -19.08
CA GLY B 102 3.79 -18.05 -19.22
C GLY B 102 4.18 -17.08 -18.12
N THR B 103 4.15 -15.79 -18.44
CA THR B 103 4.23 -14.66 -17.47
C THR B 103 2.94 -13.85 -17.60
N LYS B 104 2.27 -13.56 -16.49
CA LYS B 104 1.05 -12.73 -16.48
C LYS B 104 1.39 -11.36 -15.91
N LEU B 105 1.12 -10.29 -16.66
CA LEU B 105 1.24 -8.90 -16.17
C LEU B 105 -0.04 -8.54 -15.43
N GLU B 106 0.10 -8.15 -14.17
CA GLU B 106 -1.05 -7.63 -13.38
C GLU B 106 -0.70 -6.23 -12.86
N ILE B 107 -1.72 -5.47 -12.47
CA ILE B 107 -1.59 -4.06 -12.02
C ILE B 107 -1.20 -4.06 -10.54
N LYS B 108 -0.18 -3.30 -10.18
CA LYS B 108 0.35 -3.19 -8.80
C LYS B 108 -0.55 -2.25 -7.99
N ARG B 109 -0.79 -2.58 -6.72
CA ARG B 109 -1.54 -1.72 -5.75
C ARG B 109 -1.32 -2.21 -4.32
N THR B 110 -0.54 -1.45 -3.54
CA THR B 110 -0.25 -1.63 -2.08
C THR B 110 -0.30 -3.10 -1.66
N VAL B 111 -1.19 -3.44 -0.71
CA VAL B 111 -1.44 -4.80 -0.17
C VAL B 111 -2.72 -4.69 0.67
N ALA B 112 -3.65 -5.63 0.52
CA ALA B 112 -4.97 -5.57 1.20
C ALA B 112 -5.34 -6.96 1.72
N ALA B 113 -5.51 -7.11 3.03
CA ALA B 113 -5.99 -8.35 3.67
C ALA B 113 -7.46 -8.57 3.28
N PRO B 114 -7.90 -9.83 3.10
CA PRO B 114 -9.28 -10.09 2.69
C PRO B 114 -10.31 -9.89 3.81
N SER B 115 -11.54 -9.58 3.42
CA SER B 115 -12.75 -9.59 4.27
C SER B 115 -13.39 -10.98 4.13
N VAL B 116 -13.43 -11.77 5.19
CA VAL B 116 -13.82 -13.20 5.11
C VAL B 116 -15.24 -13.40 5.68
N PHE B 117 -15.96 -14.33 5.04
CA PHE B 117 -17.36 -14.73 5.34
C PHE B 117 -17.48 -16.24 5.06
N ILE B 118 -18.40 -16.91 5.76
CA ILE B 118 -18.74 -18.35 5.52
C ILE B 118 -20.26 -18.47 5.45
N PHE B 119 -20.74 -19.41 4.63
CA PHE B 119 -22.18 -19.64 4.36
C PHE B 119 -22.52 -21.11 4.56
N PRO B 120 -23.49 -21.44 5.42
CA PRO B 120 -23.97 -22.81 5.53
C PRO B 120 -24.82 -23.16 4.32
N PRO B 121 -24.93 -24.45 3.96
CA PRO B 121 -25.79 -24.87 2.85
C PRO B 121 -27.27 -24.64 3.21
N SER B 122 -28.08 -24.25 2.24
CA SER B 122 -29.53 -23.92 2.41
C SER B 122 -30.31 -25.21 2.64
N ASP B 123 -31.50 -25.10 3.26
CA ASP B 123 -32.42 -26.23 3.49
C ASP B 123 -32.82 -26.84 2.15
N GLU B 124 -33.13 -25.99 1.16
CA GLU B 124 -33.56 -26.42 -0.19
C GLU B 124 -32.48 -27.31 -0.82
N GLN B 125 -31.19 -26.95 -0.68
CA GLN B 125 -30.07 -27.74 -1.24
C GLN B 125 -29.98 -29.09 -0.50
N LEU B 126 -30.11 -29.09 0.83
CA LEU B 126 -30.03 -30.33 1.65
C LEU B 126 -31.16 -31.28 1.25
N LYS B 127 -32.36 -30.77 0.96
CA LYS B 127 -33.49 -31.63 0.56
C LYS B 127 -33.19 -32.27 -0.81
N SER B 128 -32.46 -31.58 -1.70
CA SER B 128 -32.08 -32.08 -3.04
C SER B 128 -30.94 -33.12 -2.96
N GLY B 129 -30.27 -33.24 -1.81
CA GLY B 129 -29.38 -34.38 -1.49
C GLY B 129 -27.89 -34.03 -1.49
N THR B 130 -27.53 -32.76 -1.62
CA THR B 130 -26.11 -32.29 -1.67
C THR B 130 -25.92 -31.11 -0.70
N ALA B 131 -24.69 -30.93 -0.20
CA ALA B 131 -24.34 -29.85 0.74
C ALA B 131 -23.08 -29.14 0.26
N SER B 132 -23.24 -27.90 -0.18
CA SER B 132 -22.14 -27.00 -0.64
C SER B 132 -21.92 -25.93 0.43
N VAL B 133 -20.71 -25.85 0.98
CA VAL B 133 -20.32 -24.81 1.98
C VAL B 133 -19.39 -23.81 1.29
N VAL B 134 -19.69 -22.52 1.37
CA VAL B 134 -18.95 -21.46 0.64
C VAL B 134 -18.21 -20.56 1.63
N CYS B 135 -16.93 -20.32 1.34
CA CYS B 135 -16.02 -19.43 2.07
C CYS B 135 -15.64 -18.32 1.10
N LEU B 136 -15.84 -17.06 1.49
CA LEU B 136 -15.69 -15.87 0.60
C LEU B 136 -14.52 -15.01 1.12
N LEU B 137 -13.52 -14.77 0.27
CA LEU B 137 -12.42 -13.79 0.51
C LEU B 137 -12.76 -12.55 -0.32
N ASN B 138 -12.87 -11.39 0.31
CA ASN B 138 -13.46 -10.18 -0.34
C ASN B 138 -12.45 -9.04 -0.41
N ASN B 139 -12.10 -8.63 -1.63
CA ASN B 139 -11.30 -7.41 -1.94
C ASN B 139 -9.91 -7.50 -1.32
N PHE B 140 -9.07 -8.40 -1.85
CA PHE B 140 -7.71 -8.61 -1.33
C PHE B 140 -6.69 -8.53 -2.46
N TYR B 141 -5.43 -8.38 -2.06
CA TYR B 141 -4.28 -8.29 -2.98
C TYR B 141 -3.01 -8.48 -2.16
N PRO B 142 -2.01 -9.26 -2.65
CA PRO B 142 -2.09 -9.92 -3.94
C PRO B 142 -2.96 -11.20 -3.95
N ARG B 143 -3.08 -11.82 -5.13
CA ARG B 143 -3.98 -12.97 -5.42
C ARG B 143 -3.60 -14.19 -4.56
N GLU B 144 -2.34 -14.27 -4.09
CA GLU B 144 -1.81 -15.44 -3.34
C GLU B 144 -2.40 -15.48 -1.92
N ALA B 145 -3.37 -16.36 -1.69
CA ALA B 145 -4.03 -16.62 -0.39
C ALA B 145 -4.24 -18.12 -0.23
N LYS B 146 -4.04 -18.67 0.97
CA LYS B 146 -4.25 -20.11 1.23
C LYS B 146 -5.59 -20.29 1.95
N VAL B 147 -6.45 -21.14 1.41
CA VAL B 147 -7.79 -21.45 2.01
C VAL B 147 -7.78 -22.92 2.46
N GLN B 148 -7.94 -23.17 3.76
CA GLN B 148 -7.93 -24.54 4.33
C GLN B 148 -9.24 -24.80 5.06
N TRP B 149 -10.01 -25.78 4.57
CA TRP B 149 -11.24 -26.30 5.24
C TRP B 149 -10.82 -27.18 6.42
N LYS B 150 -11.48 -26.98 7.57
CA LYS B 150 -11.36 -27.85 8.77
C LYS B 150 -12.76 -28.30 9.18
N VAL B 151 -13.02 -29.61 9.11
CA VAL B 151 -14.33 -30.21 9.49
C VAL B 151 -14.13 -31.02 10.77
N ASP B 152 -14.66 -30.54 11.89
CA ASP B 152 -14.36 -31.06 13.25
C ASP B 152 -12.84 -31.05 13.44
N ASN B 153 -12.21 -29.90 13.12
CA ASN B 153 -10.77 -29.59 13.34
C ASN B 153 -9.87 -30.38 12.38
N ALA B 154 -10.46 -31.15 11.47
CA ALA B 154 -9.74 -32.06 10.54
C ALA B 154 -9.52 -31.33 9.21
N LEU B 155 -8.26 -31.00 8.92
CA LEU B 155 -7.82 -30.36 7.66
C LEU B 155 -8.29 -31.22 6.48
N GLN B 156 -9.03 -30.62 5.54
CA GLN B 156 -9.60 -31.31 4.35
C GLN B 156 -8.61 -31.27 3.19
N SER B 157 -8.84 -32.10 2.17
CA SER B 157 -7.93 -32.28 1.01
C SER B 157 -8.75 -32.58 -0.25
N GLY B 158 -8.71 -31.69 -1.24
CA GLY B 158 -9.14 -31.94 -2.64
C GLY B 158 -10.60 -32.32 -2.78
N ASN B 159 -11.47 -31.80 -1.91
CA ASN B 159 -12.95 -31.94 -2.03
C ASN B 159 -13.56 -30.54 -2.05
N SER B 160 -12.76 -29.53 -2.41
CA SER B 160 -13.14 -28.09 -2.40
C SER B 160 -12.69 -27.43 -3.70
N GLN B 161 -13.48 -26.50 -4.24
CA GLN B 161 -13.15 -25.81 -5.52
C GLN B 161 -13.11 -24.31 -5.26
N GLU B 162 -12.00 -23.67 -5.65
CA GLU B 162 -11.82 -22.20 -5.57
C GLU B 162 -12.13 -21.59 -6.93
N SER B 163 -12.85 -20.46 -6.91
CA SER B 163 -13.07 -19.58 -8.07
C SER B 163 -12.60 -18.17 -7.67
N VAL B 164 -11.88 -17.49 -8.56
CA VAL B 164 -11.34 -16.14 -8.29
C VAL B 164 -11.78 -15.22 -9.43
N THR B 165 -12.18 -14.00 -9.09
CA THR B 165 -12.62 -12.99 -10.07
C THR B 165 -11.39 -12.48 -10.83
N GLU B 166 -11.63 -11.92 -12.02
CA GLU B 166 -10.70 -10.99 -12.69
C GLU B 166 -10.42 -9.82 -11.73
N GLN B 167 -9.23 -9.24 -11.82
CA GLN B 167 -8.80 -8.07 -10.99
C GLN B 167 -9.82 -6.93 -11.17
N ASP B 168 -10.25 -6.29 -10.09
CA ASP B 168 -11.41 -5.36 -10.08
C ASP B 168 -11.09 -4.07 -10.83
N SER B 169 -12.07 -3.54 -11.54
CA SER B 169 -11.95 -2.35 -12.43
C SER B 169 -11.84 -1.04 -11.64
N LYS B 170 -12.17 -1.01 -10.35
CA LYS B 170 -12.19 0.24 -9.53
C LYS B 170 -10.97 0.29 -8.60
N ASP B 171 -10.76 -0.75 -7.80
CA ASP B 171 -9.72 -0.78 -6.73
C ASP B 171 -8.65 -1.86 -7.01
N SER B 172 -8.72 -2.57 -8.14
CA SER B 172 -7.69 -3.54 -8.61
C SER B 172 -7.47 -4.68 -7.61
N THR B 173 -8.50 -5.06 -6.83
CA THR B 173 -8.45 -6.21 -5.90
C THR B 173 -9.03 -7.46 -6.57
N TYR B 174 -8.85 -8.60 -5.92
CA TYR B 174 -9.55 -9.86 -6.25
C TYR B 174 -10.54 -10.16 -5.14
N SER B 175 -11.62 -10.85 -5.49
CA SER B 175 -12.43 -11.65 -4.55
C SER B 175 -12.19 -13.11 -4.91
N LEU B 176 -12.38 -14.01 -3.94
CA LEU B 176 -12.23 -15.47 -4.18
C LEU B 176 -13.31 -16.20 -3.42
N SER B 177 -13.82 -17.29 -3.97
CA SER B 177 -14.77 -18.21 -3.30
C SER B 177 -14.13 -19.59 -3.24
N SER B 178 -14.20 -20.27 -2.09
CA SER B 178 -13.94 -21.73 -1.99
C SER B 178 -15.27 -22.41 -1.66
N THR B 179 -15.61 -23.47 -2.40
CA THR B 179 -16.82 -24.28 -2.13
C THR B 179 -16.39 -25.70 -1.78
N LEU B 180 -16.67 -26.12 -0.54
CA LEU B 180 -16.51 -27.51 -0.06
C LEU B 180 -17.84 -28.24 -0.33
N THR B 181 -17.81 -29.32 -1.10
CA THR B 181 -19.02 -30.07 -1.50
C THR B 181 -18.98 -31.49 -0.93
N LEU B 182 -19.99 -31.81 -0.12
CA LEU B 182 -20.23 -33.18 0.40
C LEU B 182 -21.65 -33.59 0.02
N SER B 183 -21.93 -34.90 0.00
CA SER B 183 -23.31 -35.45 -0.03
C SER B 183 -24.00 -35.02 1.27
N LYS B 184 -25.33 -34.94 1.25
CA LYS B 184 -26.15 -34.71 2.47
C LYS B 184 -25.79 -35.78 3.51
N ALA B 185 -25.77 -37.04 3.09
CA ALA B 185 -25.38 -38.23 3.89
C ALA B 185 -24.08 -37.96 4.66
N ASP B 186 -23.05 -37.48 3.98
CA ASP B 186 -21.70 -37.27 4.59
C ASP B 186 -21.71 -35.96 5.38
N TYR B 187 -22.25 -34.87 4.82
CA TYR B 187 -22.29 -33.52 5.46
C TYR B 187 -22.86 -33.62 6.88
N GLU B 188 -23.92 -34.42 7.06
CA GLU B 188 -24.62 -34.58 8.36
C GLU B 188 -23.83 -35.50 9.31
N LYS B 189 -22.66 -36.02 8.93
CA LYS B 189 -21.81 -36.87 9.83
C LYS B 189 -20.84 -36.00 10.66
N HIS B 190 -20.77 -34.68 10.45
CA HIS B 190 -19.79 -33.78 11.11
C HIS B 190 -20.48 -32.54 11.68
N LYS B 191 -19.93 -31.96 12.75
CA LYS B 191 -20.52 -30.84 13.54
C LYS B 191 -20.00 -29.48 13.03
N VAL B 192 -18.70 -29.22 13.17
CA VAL B 192 -18.07 -27.87 12.97
C VAL B 192 -17.49 -27.75 11.57
N TYR B 193 -17.88 -26.72 10.82
CA TYR B 193 -17.31 -26.38 9.51
C TYR B 193 -16.55 -25.07 9.63
N ALA B 194 -15.26 -25.06 9.27
CA ALA B 194 -14.37 -23.88 9.34
C ALA B 194 -13.53 -23.76 8.06
N CYS B 195 -13.40 -22.55 7.52
CA CYS B 195 -12.34 -22.20 6.53
C CYS B 195 -11.32 -21.28 7.20
N GLU B 196 -10.06 -21.74 7.28
CA GLU B 196 -8.92 -20.95 7.80
C GLU B 196 -8.22 -20.28 6.62
N VAL B 197 -8.11 -18.96 6.64
CA VAL B 197 -7.47 -18.19 5.54
C VAL B 197 -6.13 -17.63 6.02
N THR B 198 -5.06 -18.07 5.38
CA THR B 198 -3.71 -17.46 5.45
C THR B 198 -3.58 -16.49 4.27
N HIS B 199 -3.25 -15.23 4.54
CA HIS B 199 -2.92 -14.23 3.50
C HIS B 199 -1.79 -13.34 4.00
N GLN B 200 -1.00 -12.84 3.05
CA GLN B 200 0.23 -12.07 3.26
C GLN B 200 -0.06 -10.81 4.10
N GLY B 201 -1.21 -10.18 3.83
CA GLY B 201 -1.66 -8.94 4.50
C GLY B 201 -2.23 -9.17 5.89
N LEU B 202 -2.31 -10.41 6.37
CA LEU B 202 -2.77 -10.70 7.76
C LEU B 202 -1.55 -10.99 8.63
N SER B 203 -1.56 -10.51 9.89
CA SER B 203 -0.50 -10.81 10.89
C SER B 203 -0.44 -12.34 11.11
N SER B 204 -1.61 -13.00 11.15
CA SER B 204 -1.75 -14.47 11.32
C SER B 204 -3.06 -14.92 10.67
N PRO B 205 -3.32 -16.24 10.49
CA PRO B 205 -4.54 -16.67 9.81
C PRO B 205 -5.82 -16.24 10.54
N VAL B 206 -6.86 -15.93 9.77
CA VAL B 206 -8.24 -15.66 10.27
C VAL B 206 -9.08 -16.91 9.95
N THR B 207 -9.84 -17.40 10.93
CA THR B 207 -10.72 -18.59 10.78
C THR B 207 -12.19 -18.18 10.90
N LYS B 208 -13.01 -18.70 9.99
CA LYS B 208 -14.48 -18.49 9.94
C LYS B 208 -15.15 -19.85 10.02
N SER B 209 -16.13 -20.02 10.90
CA SER B 209 -16.75 -21.35 11.19
C SER B 209 -18.23 -21.23 11.54
N PHE B 210 -18.92 -22.37 11.52
CA PHE B 210 -20.29 -22.55 12.09
C PHE B 210 -20.45 -24.00 12.55
N ASN B 211 -21.24 -24.19 13.60
CA ASN B 211 -21.75 -25.51 14.02
C ASN B 211 -23.11 -25.71 13.36
N ARG B 212 -23.36 -26.86 12.74
CA ARG B 212 -24.69 -27.19 12.17
C ARG B 212 -25.72 -27.02 13.30
N GLY B 213 -26.70 -26.13 13.11
CA GLY B 213 -27.69 -25.73 14.13
C GLY B 213 -27.02 -25.20 15.38
N GLU C 1 -5.39 19.42 -0.59
CA GLU C 1 -6.87 19.59 -0.47
C GLU C 1 -7.47 18.48 0.42
N VAL C 2 -6.68 17.50 0.84
CA VAL C 2 -7.12 16.49 1.85
C VAL C 2 -6.75 16.99 3.24
N LYS C 3 -7.58 16.67 4.23
CA LYS C 3 -7.33 17.08 5.64
C LYS C 3 -7.75 15.95 6.56
N LEU C 4 -6.82 15.50 7.41
CA LEU C 4 -7.08 14.58 8.54
C LEU C 4 -6.79 15.34 9.83
N LEU C 5 -7.77 15.48 10.71
CA LEU C 5 -7.63 16.30 11.95
C LEU C 5 -7.81 15.39 13.16
N GLU C 6 -6.72 15.10 13.88
CA GLU C 6 -6.78 14.32 15.15
C GLU C 6 -7.24 15.25 16.28
N SER C 7 -7.96 14.68 17.24
CA SER C 7 -8.38 15.32 18.52
C SER C 7 -8.44 14.25 19.62
N GLY C 8 -8.32 14.67 20.88
CA GLY C 8 -8.32 13.78 22.07
C GLY C 8 -6.95 13.65 22.70
N GLY C 9 -5.89 14.11 22.02
CA GLY C 9 -4.51 14.14 22.54
C GLY C 9 -4.43 15.01 23.78
N GLY C 10 -3.73 14.55 24.81
CA GLY C 10 -3.57 15.24 26.10
C GLY C 10 -3.05 14.28 27.15
N LEU C 11 -3.28 14.59 28.43
CA LEU C 11 -2.80 13.77 29.56
C LEU C 11 -3.83 12.70 29.92
N VAL C 12 -3.35 11.53 30.34
CA VAL C 12 -4.21 10.43 30.89
C VAL C 12 -3.50 9.80 32.10
N GLN C 13 -4.29 9.33 33.08
CA GLN C 13 -3.79 8.58 34.26
C GLN C 13 -3.37 7.18 33.82
N PRO C 14 -2.26 6.61 34.33
CA PRO C 14 -1.91 5.22 34.06
C PRO C 14 -3.04 4.24 34.42
N GLY C 15 -3.19 3.16 33.66
CA GLY C 15 -4.19 2.10 33.89
C GLY C 15 -5.57 2.46 33.35
N ARG C 16 -5.78 3.71 32.93
CA ARG C 16 -7.08 4.26 32.48
C ARG C 16 -7.24 3.97 30.97
N SER C 17 -8.23 4.56 30.31
CA SER C 17 -8.49 4.43 28.84
C SER C 17 -8.34 5.79 28.15
N LEU C 18 -8.02 5.79 26.85
CA LEU C 18 -8.06 7.02 26.01
C LEU C 18 -8.68 6.71 24.64
N ARG C 19 -9.49 7.66 24.15
CA ARG C 19 -10.07 7.66 22.78
C ARG C 19 -9.48 8.84 21.99
N LEU C 20 -8.91 8.55 20.82
CA LEU C 20 -8.58 9.56 19.78
C LEU C 20 -9.67 9.51 18.70
N SER C 21 -9.98 10.68 18.13
CA SER C 21 -10.88 10.84 16.96
C SER C 21 -10.07 11.45 15.82
N CYS C 22 -10.30 11.00 14.59
CA CYS C 22 -9.71 11.62 13.37
C CYS C 22 -10.81 11.90 12.35
N ILE C 23 -10.98 13.17 12.00
CA ILE C 23 -12.00 13.59 11.01
C ILE C 23 -11.31 13.83 9.68
N ALA C 24 -11.71 13.09 8.64
CA ALA C 24 -11.13 13.13 7.28
C ALA C 24 -12.06 13.94 6.37
N SER C 25 -11.49 14.79 5.51
CA SER C 25 -12.25 15.57 4.50
C SER C 25 -11.47 15.65 3.20
N GLY C 26 -12.20 15.85 2.10
CA GLY C 26 -11.67 16.02 0.75
C GLY C 26 -11.21 14.72 0.10
N PHE C 27 -11.88 13.60 0.39
CA PHE C 27 -11.71 12.33 -0.36
C PHE C 27 -12.76 11.29 0.06
N ASP C 28 -13.34 10.61 -0.93
CA ASP C 28 -14.36 9.55 -0.77
C ASP C 28 -13.90 8.61 0.37
N PHE C 29 -14.27 8.92 1.61
CA PHE C 29 -13.78 8.27 2.85
C PHE C 29 -14.08 6.76 2.84
N SER C 30 -15.33 6.39 2.54
CA SER C 30 -15.83 4.99 2.57
C SER C 30 -15.19 4.15 1.44
N GLY C 31 -14.20 4.69 0.72
CA GLY C 31 -13.49 3.95 -0.34
C GLY C 31 -12.06 3.58 0.05
N TYR C 32 -11.67 3.74 1.31
CA TYR C 32 -10.24 3.65 1.72
C TYR C 32 -10.08 2.95 3.08
N TRP C 33 -9.02 2.15 3.18
CA TRP C 33 -8.48 1.64 4.47
C TRP C 33 -7.83 2.82 5.19
N MET C 34 -8.06 2.94 6.50
CA MET C 34 -7.47 4.02 7.32
C MET C 34 -6.63 3.40 8.47
N THR C 35 -5.51 4.03 8.82
CA THR C 35 -4.49 3.47 9.75
C THR C 35 -4.12 4.50 10.81
N TRP C 36 -3.70 4.00 11.98
CA TRP C 36 -3.03 4.81 13.04
C TRP C 36 -1.56 4.43 13.09
N VAL C 37 -0.68 5.42 13.26
CA VAL C 37 0.77 5.20 13.52
C VAL C 37 1.12 6.07 14.73
N ARG C 38 2.11 5.67 15.54
CA ARG C 38 2.58 6.52 16.67
C ARG C 38 4.11 6.62 16.66
N GLN C 39 4.60 7.71 17.23
CA GLN C 39 6.04 8.03 17.33
C GLN C 39 6.34 8.40 18.78
N ALA C 40 7.16 7.61 19.46
CA ALA C 40 7.58 7.83 20.85
C ALA C 40 8.53 9.02 20.91
N PRO C 41 8.75 9.61 22.11
CA PRO C 41 9.85 10.55 22.32
C PRO C 41 11.18 10.18 21.64
N GLY C 42 11.51 8.89 21.58
CA GLY C 42 12.74 8.33 21.00
C GLY C 42 12.76 8.36 19.47
N LYS C 43 11.66 8.78 18.83
CA LYS C 43 11.59 9.16 17.39
C LYS C 43 11.35 7.94 16.48
N GLY C 44 11.28 6.73 17.03
CA GLY C 44 10.94 5.51 16.26
C GLY C 44 9.47 5.52 15.85
N LEU C 45 9.16 5.20 14.59
CA LEU C 45 7.75 5.07 14.13
C LEU C 45 7.27 3.64 14.39
N GLU C 46 6.07 3.52 14.96
CA GLU C 46 5.44 2.24 15.34
C GLU C 46 4.05 2.19 14.72
N TRP C 47 3.85 1.34 13.71
CA TRP C 47 2.53 1.06 13.11
C TRP C 47 1.65 0.42 14.19
N ILE C 48 0.39 0.83 14.29
CA ILE C 48 -0.54 0.41 15.37
C ILE C 48 -1.59 -0.52 14.76
N GLY C 49 -2.43 0.01 13.88
CA GLY C 49 -3.63 -0.67 13.39
C GLY C 49 -4.17 -0.02 12.13
N ASP C 50 -5.01 -0.76 11.39
CA ASP C 50 -5.62 -0.31 10.12
C ASP C 50 -7.05 -0.82 10.06
N ILE C 51 -7.85 -0.31 9.14
CA ILE C 51 -9.19 -0.89 8.89
C ILE C 51 -9.45 -0.90 7.39
N ASN C 52 -10.00 -1.99 6.90
CA ASN C 52 -10.66 -1.98 5.59
C ASN C 52 -11.91 -1.11 5.73
N PRO C 53 -12.48 -0.67 4.58
CA PRO C 53 -13.53 0.35 4.55
C PRO C 53 -14.88 0.02 5.19
N ASP C 54 -15.11 -1.22 5.65
CA ASP C 54 -16.46 -1.64 6.15
C ASP C 54 -16.38 -1.94 7.65
N SER C 55 -15.32 -1.48 8.30
CA SER C 55 -14.96 -1.86 9.69
C SER C 55 -15.12 -3.37 9.91
N SER C 56 -15.31 -4.16 8.85
CA SER C 56 -15.53 -5.63 8.95
C SER C 56 -14.18 -6.37 8.88
N THR C 57 -13.11 -5.72 9.34
CA THR C 57 -11.70 -6.16 9.21
C THR C 57 -10.81 -5.28 10.09
N ILE C 58 -9.61 -5.74 10.41
CA ILE C 58 -8.56 -4.96 11.13
C ILE C 58 -7.19 -5.55 10.79
N ASN C 59 -6.14 -4.73 10.90
CA ASN C 59 -4.72 -5.14 10.82
C ASN C 59 -3.97 -4.42 11.94
N SER C 60 -3.61 -5.12 13.01
CA SER C 60 -2.89 -4.55 14.17
C SER C 60 -1.70 -5.44 14.52
N THR C 61 -0.56 -4.85 14.92
CA THR C 61 0.60 -5.60 15.46
C THR C 61 0.09 -6.50 16.58
N PRO C 62 0.69 -7.67 16.83
CA PRO C 62 0.48 -8.37 18.10
C PRO C 62 0.71 -7.46 19.30
N SER C 63 1.96 -7.10 19.60
CA SER C 63 2.38 -6.20 20.71
C SER C 63 1.16 -5.60 21.41
N LEU C 64 0.29 -4.94 20.63
CA LEU C 64 -0.90 -4.21 21.11
C LEU C 64 -2.17 -5.07 20.96
N LYS C 65 -2.34 -5.66 19.78
CA LYS C 65 -3.50 -6.50 19.31
C LYS C 65 -4.66 -6.53 20.31
N ASP C 66 -4.42 -7.00 21.54
CA ASP C 66 -5.47 -7.29 22.55
C ASP C 66 -5.55 -6.12 23.55
N LYS C 67 -5.06 -4.94 23.18
CA LYS C 67 -5.00 -3.78 24.12
C LYS C 67 -5.77 -2.58 23.56
N VAL C 68 -5.72 -2.30 22.25
CA VAL C 68 -6.50 -1.16 21.65
C VAL C 68 -7.56 -1.68 20.69
N ILE C 69 -8.59 -0.86 20.48
CA ILE C 69 -9.73 -1.11 19.55
C ILE C 69 -9.74 0.03 18.52
N ILE C 70 -9.68 -0.33 17.25
CA ILE C 70 -9.75 0.63 16.11
C ILE C 70 -11.14 0.50 15.50
N SER C 71 -11.76 1.62 15.09
CA SER C 71 -13.14 1.65 14.53
C SER C 71 -13.41 2.97 13.81
N ARG C 72 -14.52 3.06 13.07
CA ARG C 72 -14.81 4.21 12.17
C ARG C 72 -16.31 4.34 11.92
N ASP C 73 -16.76 5.55 11.59
CA ASP C 73 -18.15 5.86 11.18
C ASP C 73 -18.12 6.53 9.79
N ASN C 74 -18.60 5.83 8.77
CA ASN C 74 -18.58 6.30 7.36
C ASN C 74 -19.33 7.63 7.23
N ALA C 75 -20.64 7.63 7.45
CA ALA C 75 -21.52 8.83 7.32
C ALA C 75 -20.91 10.03 8.06
N LYS C 76 -20.33 9.82 9.26
CA LYS C 76 -19.73 10.92 10.08
C LYS C 76 -18.30 11.22 9.60
N ASN C 77 -17.72 10.38 8.74
CA ASN C 77 -16.34 10.57 8.20
C ASN C 77 -15.36 10.84 9.34
N THR C 78 -15.25 9.90 10.28
CA THR C 78 -14.39 10.02 11.49
C THR C 78 -13.73 8.67 11.78
N LEU C 79 -12.48 8.67 12.23
CA LEU C 79 -11.76 7.42 12.60
C LEU C 79 -11.48 7.45 14.10
N PHE C 80 -11.45 6.29 14.75
CA PHE C 80 -11.34 6.18 16.23
C PHE C 80 -10.26 5.19 16.64
N LEU C 81 -9.59 5.49 17.75
CA LEU C 81 -8.62 4.60 18.42
C LEU C 81 -8.95 4.56 19.91
N GLN C 82 -9.41 3.43 20.41
CA GLN C 82 -9.68 3.19 21.85
C GLN C 82 -8.44 2.51 22.44
N MET C 83 -7.80 3.12 23.43
CA MET C 83 -6.72 2.46 24.21
C MET C 83 -7.29 2.09 25.58
N SER C 84 -6.89 0.93 26.11
CA SER C 84 -7.25 0.45 27.47
C SER C 84 -5.99 -0.07 28.17
N LYS C 85 -5.98 -0.07 29.50
CA LYS C 85 -4.81 -0.44 30.33
C LYS C 85 -3.62 0.44 29.92
N VAL C 86 -3.79 1.76 29.91
CA VAL C 86 -2.78 2.73 29.39
C VAL C 86 -1.55 2.73 30.30
N ARG C 87 -0.35 2.82 29.71
CA ARG C 87 0.95 2.66 30.41
C ARG C 87 1.98 3.67 29.90
N SER C 88 3.16 3.66 30.52
CA SER C 88 4.37 4.45 30.16
C SER C 88 4.63 4.37 28.65
N GLU C 89 4.54 3.17 28.07
CA GLU C 89 4.89 2.87 26.65
C GLU C 89 3.96 3.64 25.70
N ASP C 90 2.75 3.98 26.14
CA ASP C 90 1.71 4.63 25.30
C ASP C 90 1.96 6.14 25.19
N THR C 91 2.89 6.70 25.98
CA THR C 91 3.28 8.14 25.87
C THR C 91 4.01 8.34 24.54
N ALA C 92 3.31 8.95 23.58
CA ALA C 92 3.76 9.19 22.20
C ALA C 92 2.83 10.24 21.56
N LEU C 93 3.16 10.75 20.39
CA LEU C 93 2.17 11.51 19.59
C LEU C 93 1.66 10.58 18.49
N TYR C 94 0.35 10.63 18.25
CA TYR C 94 -0.42 9.64 17.45
C TYR C 94 -0.82 10.28 16.13
N TYR C 95 -0.60 9.57 15.03
CA TYR C 95 -0.89 10.00 13.64
C TYR C 95 -2.06 9.19 13.05
N CYS C 96 -3.05 9.91 12.55
CA CYS C 96 -4.12 9.40 11.64
C CYS C 96 -3.55 9.33 10.21
N ALA C 97 -3.89 8.31 9.42
CA ALA C 97 -3.43 8.22 8.01
C ALA C 97 -4.39 7.39 7.14
N GLN C 98 -4.68 7.89 5.92
CA GLN C 98 -5.17 7.14 4.74
C GLN C 98 -4.20 6.00 4.43
N ARG C 99 -4.72 4.93 3.78
CA ARG C 99 -3.96 3.69 3.41
C ARG C 99 -3.76 3.58 1.90
N GLY C 100 -4.62 4.17 1.06
CA GLY C 100 -4.32 4.41 -0.37
C GLY C 100 -4.34 3.16 -1.24
N ASN C 101 -5.06 3.22 -2.37
CA ASN C 101 -5.35 2.06 -3.26
C ASN C 101 -4.27 1.90 -4.34
N TYR C 102 -3.31 2.81 -4.47
CA TYR C 102 -2.23 2.70 -5.49
C TYR C 102 -0.94 3.33 -4.98
N VAL C 103 -0.91 3.60 -3.68
CA VAL C 103 0.13 4.42 -3.01
C VAL C 103 -0.06 4.18 -1.52
N PRO C 104 0.93 3.64 -0.79
CA PRO C 104 0.77 3.28 0.64
C PRO C 104 0.14 4.37 1.54
N PHE C 105 0.95 5.22 2.16
CA PHE C 105 0.49 6.27 3.13
C PHE C 105 0.80 7.66 2.58
N PRO C 106 -0.01 8.20 1.66
CA PRO C 106 0.22 9.54 1.14
C PRO C 106 -0.27 10.70 2.04
N TYR C 107 -1.05 10.41 3.09
CA TYR C 107 -1.72 11.46 3.89
C TYR C 107 -1.64 11.14 5.38
N TRP C 108 -1.05 12.07 6.14
CA TRP C 108 -0.85 12.00 7.61
C TRP C 108 -1.52 13.21 8.26
N GLY C 109 -2.25 13.02 9.35
CA GLY C 109 -2.65 14.12 10.22
C GLY C 109 -1.43 14.78 10.85
N GLN C 110 -1.56 16.02 11.33
CA GLN C 110 -0.42 16.77 11.92
C GLN C 110 0.15 15.95 13.08
N GLY C 111 -0.69 15.14 13.74
CA GLY C 111 -0.32 14.27 14.87
C GLY C 111 -0.80 14.90 16.17
N THR C 112 -1.23 14.08 17.14
CA THR C 112 -1.80 14.54 18.43
C THR C 112 -0.99 13.94 19.57
N LEU C 113 -0.47 14.77 20.48
CA LEU C 113 0.47 14.31 21.53
C LEU C 113 -0.32 13.76 22.70
N VAL C 114 -0.02 12.53 23.10
CA VAL C 114 -0.70 11.87 24.26
C VAL C 114 0.32 11.74 25.39
N THR C 115 -0.03 12.24 26.57
CA THR C 115 0.83 12.18 27.78
C THR C 115 0.13 11.39 28.88
N VAL C 116 0.84 10.48 29.52
CA VAL C 116 0.28 9.63 30.61
C VAL C 116 0.97 10.01 31.92
N SER C 117 0.36 10.93 32.68
CA SER C 117 0.90 11.45 33.97
C SER C 117 -0.23 11.97 34.86
N ALA C 118 -0.30 11.48 36.09
CA ALA C 118 -1.28 11.91 37.12
C ALA C 118 -1.22 13.44 37.31
N ALA C 119 -0.21 14.10 36.73
CA ALA C 119 0.00 15.57 36.82
C ALA C 119 -1.31 16.31 36.52
N LYS C 120 -1.51 17.47 37.13
CA LYS C 120 -2.71 18.32 36.93
C LYS C 120 -2.46 19.28 35.76
N THR C 121 -3.48 19.48 34.91
CA THR C 121 -3.48 20.48 33.81
C THR C 121 -3.14 21.86 34.38
N THR C 122 -2.30 22.64 33.69
CA THR C 122 -1.93 24.03 34.09
C THR C 122 -1.71 24.91 32.86
N PRO C 123 -2.27 26.15 32.85
CA PRO C 123 -2.01 27.11 31.77
C PRO C 123 -0.71 27.86 31.99
N PRO C 124 -0.06 28.34 30.91
CA PRO C 124 1.18 29.13 31.03
C PRO C 124 0.96 30.59 31.44
N SER C 125 1.96 31.19 32.08
CA SER C 125 2.16 32.66 32.17
C SER C 125 3.12 33.07 31.05
N VAL C 126 2.80 34.15 30.33
CA VAL C 126 3.53 34.57 29.09
C VAL C 126 4.20 35.91 29.36
N TYR C 127 5.54 35.95 29.27
CA TYR C 127 6.37 37.12 29.61
C TYR C 127 7.13 37.61 28.38
N PRO C 128 7.02 38.91 28.01
CA PRO C 128 7.72 39.44 26.84
C PRO C 128 9.21 39.65 27.13
N LEU C 129 10.06 39.57 26.11
CA LEU C 129 11.52 39.80 26.22
C LEU C 129 11.92 40.99 25.34
N ALA C 130 12.15 42.16 25.96
CA ALA C 130 12.50 43.42 25.26
C ALA C 130 13.88 43.90 25.71
N PRO C 131 14.65 44.55 24.81
CA PRO C 131 16.01 44.99 25.13
C PRO C 131 16.14 45.94 26.34
N GLY C 132 17.33 45.97 26.94
CA GLY C 132 17.69 46.86 28.06
C GLY C 132 17.57 48.34 27.70
N SER C 133 17.60 48.66 26.40
CA SER C 133 17.35 50.02 25.84
C SER C 133 16.73 49.90 24.44
N SER C 139 21.34 47.63 12.85
CA SER C 139 20.99 46.86 11.62
C SER C 139 19.68 46.09 11.84
N MET C 140 19.70 45.10 12.75
CA MET C 140 18.56 44.20 13.05
C MET C 140 18.32 44.17 14.56
N VAL C 141 17.05 44.06 14.99
CA VAL C 141 16.66 43.99 16.43
C VAL C 141 16.02 42.64 16.73
N THR C 142 16.34 42.06 17.89
CA THR C 142 15.78 40.76 18.34
C THR C 142 14.85 40.99 19.53
N LEU C 143 13.67 40.39 19.46
CA LEU C 143 12.67 40.33 20.55
C LEU C 143 12.37 38.87 20.84
N GLY C 144 11.73 38.57 21.96
CA GLY C 144 11.30 37.21 22.30
C GLY C 144 10.14 37.20 23.27
N CYS C 145 9.59 36.02 23.56
CA CYS C 145 8.72 35.83 24.76
C CYS C 145 8.99 34.46 25.39
N LEU C 146 8.89 34.43 26.73
CA LEU C 146 9.11 33.24 27.59
C LEU C 146 7.74 32.73 28.04
N VAL C 147 7.43 31.47 27.71
CA VAL C 147 6.16 30.80 28.09
C VAL C 147 6.48 29.80 29.21
N LYS C 148 6.14 30.15 30.46
CA LYS C 148 6.57 29.43 31.68
C LYS C 148 5.38 28.68 32.31
N GLY C 149 5.62 27.42 32.70
CA GLY C 149 4.84 26.69 33.72
C GLY C 149 3.52 26.14 33.19
N TYR C 150 3.50 25.57 31.99
CA TYR C 150 2.30 24.90 31.41
C TYR C 150 2.47 23.38 31.48
N PHE C 151 1.35 22.67 31.39
CA PHE C 151 1.31 21.19 31.36
C PHE C 151 -0.07 20.73 30.88
N PRO C 152 -0.17 19.70 30.00
CA PRO C 152 0.97 19.08 29.33
C PRO C 152 1.40 19.70 27.98
N GLU C 153 2.37 19.10 27.29
CA GLU C 153 2.74 19.45 25.89
C GLU C 153 1.56 19.13 24.97
N PRO C 154 1.47 19.77 23.78
CA PRO C 154 2.31 20.89 23.39
C PRO C 154 1.60 22.25 23.52
N VAL C 155 2.32 23.33 23.20
CA VAL C 155 1.74 24.65 22.86
C VAL C 155 1.99 24.90 21.37
N THR C 156 1.26 25.85 20.79
CA THR C 156 1.54 26.43 19.47
C THR C 156 1.82 27.92 19.67
N VAL C 157 3.01 28.37 19.27
CA VAL C 157 3.47 29.78 19.40
C VAL C 157 3.64 30.36 18.00
N THR C 158 3.14 31.57 17.76
CA THR C 158 3.34 32.33 16.50
C THR C 158 3.67 33.79 16.83
N TRP C 159 4.05 34.56 15.81
CA TRP C 159 4.31 36.02 15.90
C TRP C 159 3.41 36.75 14.91
N ASN C 160 2.69 37.78 15.37
CA ASN C 160 1.73 38.58 14.57
C ASN C 160 0.86 37.63 13.75
N SER C 161 0.18 36.70 14.44
CA SER C 161 -0.77 35.70 13.88
C SER C 161 -0.18 34.99 12.65
N GLY C 162 1.10 34.59 12.72
CA GLY C 162 1.75 33.76 11.69
C GLY C 162 2.29 34.55 10.51
N SER C 163 2.05 35.87 10.45
CA SER C 163 2.52 36.77 9.35
C SER C 163 4.04 36.93 9.43
N LEU C 164 4.61 36.92 10.63
CA LEU C 164 6.08 36.84 10.86
C LEU C 164 6.43 35.39 11.17
N SER C 165 6.96 34.66 10.18
CA SER C 165 7.45 33.26 10.30
C SER C 165 8.92 33.15 9.88
N SER C 166 9.36 33.95 8.90
CA SER C 166 10.79 34.15 8.54
C SER C 166 11.50 34.83 9.71
N GLY C 167 12.73 34.38 10.03
CA GLY C 167 13.56 34.94 11.11
C GLY C 167 13.01 34.64 12.50
N VAL C 168 12.26 33.54 12.65
CA VAL C 168 11.71 33.10 13.96
C VAL C 168 12.46 31.83 14.39
N HIS C 169 12.81 31.76 15.68
CA HIS C 169 13.37 30.55 16.34
C HIS C 169 12.48 30.20 17.53
N THR C 170 11.67 29.15 17.42
CA THR C 170 10.85 28.62 18.54
C THR C 170 11.56 27.40 19.12
N PHE C 171 12.05 27.53 20.36
CA PHE C 171 12.96 26.55 21.00
C PHE C 171 12.15 25.42 21.61
N PRO C 172 12.68 24.16 21.55
CA PRO C 172 12.13 23.05 22.33
C PRO C 172 11.91 23.39 23.81
N ALA C 173 10.77 22.97 24.36
CA ALA C 173 10.40 23.17 25.78
C ALA C 173 11.39 22.44 26.68
N VAL C 174 11.45 22.84 27.95
CA VAL C 174 12.19 22.10 29.02
C VAL C 174 11.23 21.86 30.19
N LEU C 175 11.23 20.63 30.71
CA LEU C 175 10.36 20.15 31.82
C LEU C 175 11.05 20.48 33.15
N GLN C 176 10.32 21.10 34.09
CA GLN C 176 10.89 21.66 35.34
C GLN C 176 9.81 21.74 36.43
N SER C 177 9.97 21.00 37.53
CA SER C 177 9.01 20.92 38.66
C SER C 177 7.64 20.49 38.12
N ASP C 178 7.63 19.51 37.20
CA ASP C 178 6.40 18.94 36.57
C ASP C 178 5.63 20.04 35.81
N LEU C 179 6.34 21.01 35.23
CA LEU C 179 5.76 22.06 34.35
C LEU C 179 6.76 22.40 33.25
N TYR C 180 6.30 22.67 32.03
CA TYR C 180 7.16 22.97 30.86
C TYR C 180 7.41 24.47 30.77
N THR C 181 8.58 24.83 30.24
CA THR C 181 8.92 26.22 29.87
C THR C 181 9.58 26.22 28.49
N LEU C 182 9.12 27.09 27.59
CA LEU C 182 9.86 27.39 26.33
C LEU C 182 9.94 28.90 26.09
N SER C 183 10.87 29.28 25.22
CA SER C 183 11.04 30.65 24.70
C SER C 183 10.95 30.62 23.17
N SER C 184 10.64 31.77 22.58
CA SER C 184 10.60 31.97 21.11
C SER C 184 11.16 33.36 20.81
N SER C 185 12.01 33.47 19.79
CA SER C 185 12.69 34.72 19.37
C SER C 185 12.29 35.09 17.94
N VAL C 186 12.28 36.38 17.64
CA VAL C 186 12.01 36.92 16.28
C VAL C 186 12.95 38.10 16.02
N THR C 187 13.56 38.13 14.83
CA THR C 187 14.53 39.18 14.43
C THR C 187 13.94 39.97 13.25
N VAL C 188 13.84 41.30 13.40
CA VAL C 188 13.32 42.24 12.37
C VAL C 188 14.34 43.37 12.20
N PRO C 189 14.27 44.17 11.10
CA PRO C 189 15.11 45.36 10.97
C PRO C 189 14.89 46.39 12.09
N SER C 190 15.97 47.04 12.54
CA SER C 190 16.05 47.80 13.82
C SER C 190 15.06 48.99 13.84
N SER C 191 14.71 49.56 12.68
CA SER C 191 13.79 50.73 12.55
C SER C 191 12.32 50.28 12.55
N THR C 192 12.05 48.98 12.41
CA THR C 192 10.67 48.41 12.35
C THR C 192 10.03 48.41 13.75
N TRP C 193 10.82 48.14 14.80
CA TRP C 193 10.35 48.11 16.21
C TRP C 193 11.14 49.14 17.04
N PRO C 194 10.50 49.90 17.97
CA PRO C 194 9.07 49.77 18.27
C PRO C 194 8.08 50.60 17.45
N SER C 195 8.52 51.18 16.32
CA SER C 195 7.67 51.99 15.39
C SER C 195 6.42 51.21 14.97
N GLU C 196 6.57 49.91 14.69
CA GLU C 196 5.43 49.01 14.34
C GLU C 196 5.31 47.91 15.41
N THR C 197 4.08 47.44 15.64
CA THR C 197 3.69 46.60 16.80
C THR C 197 4.08 45.12 16.56
N VAL C 198 4.61 44.47 17.60
CA VAL C 198 5.01 43.03 17.57
C VAL C 198 4.39 42.31 18.78
N THR C 199 3.64 41.25 18.51
CA THR C 199 2.88 40.45 19.50
C THR C 199 3.17 38.95 19.28
N CYS C 200 3.47 38.22 20.36
CA CYS C 200 3.57 36.74 20.31
C CYS C 200 2.26 36.13 20.80
N ASN C 201 1.78 35.09 20.11
CA ASN C 201 0.45 34.46 20.32
C ASN C 201 0.66 33.01 20.78
N VAL C 202 0.13 32.66 21.96
CA VAL C 202 0.31 31.31 22.56
C VAL C 202 -1.05 30.66 22.74
N ALA C 203 -1.33 29.59 22.01
CA ALA C 203 -2.47 28.67 22.24
C ALA C 203 -1.97 27.46 23.03
N HIS C 204 -2.72 27.08 24.07
CA HIS C 204 -2.50 25.86 24.89
C HIS C 204 -3.78 25.02 24.81
N PRO C 205 -3.89 24.10 23.84
CA PRO C 205 -5.13 23.37 23.61
C PRO C 205 -5.64 22.61 24.84
N ALA C 206 -4.73 22.12 25.69
CA ALA C 206 -5.03 21.31 26.90
C ALA C 206 -5.85 22.12 27.92
N SER C 207 -5.65 23.44 28.02
CA SER C 207 -6.43 24.32 28.94
C SER C 207 -7.46 25.17 28.17
N SER C 208 -7.53 25.01 26.83
CA SER C 208 -8.43 25.78 25.92
C SER C 208 -8.22 27.29 26.10
N THR C 209 -6.97 27.74 26.19
CA THR C 209 -6.61 29.18 26.40
C THR C 209 -5.77 29.70 25.23
N LYS C 210 -5.82 31.01 24.99
CA LYS C 210 -5.00 31.73 23.99
C LYS C 210 -4.59 33.09 24.59
N VAL C 211 -3.30 33.44 24.51
CA VAL C 211 -2.75 34.70 25.08
C VAL C 211 -1.90 35.40 24.03
N ASP C 212 -2.15 36.69 23.82
CA ASP C 212 -1.44 37.56 22.85
C ASP C 212 -0.69 38.65 23.62
N LYS C 213 0.62 38.48 23.79
CA LYS C 213 1.47 39.37 24.63
C LYS C 213 2.29 40.31 23.75
N LYS C 214 2.03 41.62 23.86
CA LYS C 214 2.76 42.69 23.13
C LYS C 214 4.13 42.90 23.78
N ILE C 215 5.18 43.09 22.96
CA ILE C 215 6.58 43.31 23.43
C ILE C 215 6.77 44.81 23.69
N VAL C 216 7.19 45.18 24.91
CA VAL C 216 7.14 46.57 25.44
C VAL C 216 8.55 47.13 25.63
N PRO C 217 8.89 48.30 25.03
CA PRO C 217 10.15 48.99 25.33
C PRO C 217 10.17 49.50 26.79
N ARG C 218 11.31 49.34 27.46
CA ARG C 218 11.53 49.85 28.85
C ARG C 218 12.38 51.12 28.78
N SER D 1 8.15 -10.30 13.55
CA SER D 1 7.86 -9.46 12.35
C SER D 1 9.08 -9.41 11.42
N ILE D 2 8.89 -8.83 10.22
CA ILE D 2 10.00 -8.53 9.26
C ILE D 2 10.82 -7.38 9.84
N VAL D 3 12.14 -7.56 9.90
CA VAL D 3 13.07 -6.49 10.37
C VAL D 3 13.62 -5.75 9.16
N MET D 4 13.43 -4.43 9.15
CA MET D 4 14.03 -3.48 8.20
C MET D 4 15.19 -2.78 8.90
N THR D 5 16.40 -2.91 8.37
CA THR D 5 17.62 -2.32 8.97
C THR D 5 18.17 -1.24 8.04
N GLN D 6 18.24 0.01 8.51
CA GLN D 6 18.76 1.15 7.73
C GLN D 6 20.23 1.40 8.07
N THR D 7 20.97 1.97 7.11
CA THR D 7 22.39 2.33 7.25
C THR D 7 22.78 3.42 6.24
N PRO D 8 23.66 4.37 6.64
CA PRO D 8 24.07 4.54 8.03
C PRO D 8 22.99 5.18 8.91
N LYS D 9 23.22 5.21 10.23
CA LYS D 9 22.27 5.77 11.25
C LYS D 9 22.26 7.30 11.16
N PHE D 10 23.35 7.89 10.70
CA PHE D 10 23.45 9.35 10.42
C PHE D 10 24.26 9.58 9.15
N LEU D 11 24.12 10.77 8.59
CA LEU D 11 24.86 11.18 7.37
C LEU D 11 25.03 12.70 7.42
N PHE D 12 26.29 13.17 7.49
CA PHE D 12 26.65 14.60 7.45
C PHE D 12 27.33 14.87 6.11
N VAL D 13 26.73 15.75 5.30
CA VAL D 13 27.07 15.89 3.85
C VAL D 13 26.95 17.36 3.44
N SER D 14 27.91 17.83 2.63
CA SER D 14 27.96 19.20 2.05
C SER D 14 26.85 19.35 1.02
N ALA D 15 26.27 20.56 0.92
CA ALA D 15 25.29 20.93 -0.12
C ALA D 15 25.85 20.56 -1.50
N GLY D 16 24.99 20.05 -2.39
CA GLY D 16 25.32 19.73 -3.79
C GLY D 16 25.81 18.31 -3.99
N ASP D 17 26.00 17.53 -2.92
CA ASP D 17 26.60 16.17 -3.00
C ASP D 17 25.52 15.08 -3.11
N ARG D 18 25.96 13.85 -3.33
CA ARG D 18 25.12 12.62 -3.27
C ARG D 18 25.11 12.11 -1.83
N VAL D 19 23.93 11.66 -1.37
CA VAL D 19 23.78 10.78 -0.18
C VAL D 19 23.12 9.49 -0.70
N THR D 20 23.60 8.34 -0.25
CA THR D 20 22.98 7.03 -0.54
C THR D 20 22.69 6.33 0.80
N ILE D 21 21.40 6.12 1.06
CA ILE D 21 20.88 5.37 2.24
C ILE D 21 20.51 3.98 1.72
N THR D 22 20.84 2.92 2.46
CA THR D 22 20.44 1.53 2.10
C THR D 22 19.59 0.97 3.24
N CYS D 23 18.69 0.05 2.91
CA CYS D 23 17.74 -0.59 3.85
C CYS D 23 17.67 -2.07 3.47
N LYS D 24 17.88 -2.97 4.43
CA LYS D 24 18.00 -4.43 4.18
C LYS D 24 16.95 -5.18 5.00
N ALA D 25 16.36 -6.20 4.39
CA ALA D 25 15.17 -6.92 4.92
C ALA D 25 15.57 -8.32 5.37
N SER D 26 14.99 -8.80 6.48
CA SER D 26 15.21 -10.15 7.04
C SER D 26 14.60 -11.21 6.11
N GLN D 27 13.79 -10.81 5.12
CA GLN D 27 13.27 -11.68 4.05
C GLN D 27 12.83 -10.82 2.86
N SER D 28 12.56 -11.45 1.71
CA SER D 28 12.13 -10.78 0.45
C SER D 28 10.85 -9.98 0.67
N VAL D 29 10.77 -8.74 0.16
CA VAL D 29 9.52 -7.92 0.16
C VAL D 29 9.20 -7.43 -1.27
N SER D 30 9.98 -7.82 -2.28
CA SER D 30 9.74 -7.54 -3.73
C SER D 30 9.76 -6.03 -4.00
N ASN D 31 8.63 -5.41 -4.37
CA ASN D 31 8.56 -3.94 -4.58
C ASN D 31 8.35 -3.25 -3.23
N ASP D 32 7.35 -3.73 -2.48
CA ASP D 32 6.63 -3.09 -1.35
C ASP D 32 7.56 -2.55 -0.25
N VAL D 33 8.56 -1.72 -0.57
CA VAL D 33 9.37 -0.96 0.44
C VAL D 33 9.39 0.51 0.03
N GLU D 34 9.31 1.42 0.99
CA GLU D 34 8.89 2.83 0.74
C GLU D 34 9.56 3.79 1.73
N TRP D 35 9.78 5.03 1.29
CA TRP D 35 10.65 5.99 2.00
C TRP D 35 9.86 7.22 2.45
N TYR D 36 10.04 7.61 3.71
CA TYR D 36 9.36 8.76 4.32
C TYR D 36 10.41 9.79 4.77
N GLN D 37 10.18 11.04 4.41
CA GLN D 37 10.90 12.22 4.92
C GLN D 37 10.10 12.79 6.09
N GLN D 38 10.75 13.05 7.21
CA GLN D 38 10.14 13.73 8.37
C GLN D 38 11.03 14.91 8.76
N LYS D 39 10.51 16.13 8.61
CA LYS D 39 11.22 17.36 9.05
C LYS D 39 10.81 17.67 10.48
N PRO D 40 11.65 18.42 11.23
CA PRO D 40 11.31 18.76 12.61
C PRO D 40 10.01 19.57 12.69
N GLY D 41 9.21 19.32 13.73
CA GLY D 41 7.94 20.02 14.01
C GLY D 41 6.84 19.62 13.04
N GLN D 42 7.02 18.52 12.31
CA GLN D 42 6.11 18.08 11.22
C GLN D 42 5.92 16.56 11.28
N SER D 43 4.85 16.07 10.66
CA SER D 43 4.57 14.62 10.50
C SER D 43 5.48 14.05 9.41
N PRO D 44 5.69 12.71 9.37
CA PRO D 44 6.30 12.04 8.23
C PRO D 44 5.54 12.29 6.92
N LYS D 45 6.26 12.23 5.79
CA LYS D 45 5.73 12.56 4.45
C LYS D 45 6.26 11.53 3.44
N LEU D 46 5.37 11.00 2.60
CA LEU D 46 5.72 9.97 1.59
C LEU D 46 6.50 10.62 0.44
N MET D 47 7.59 9.99 0.00
CA MET D 47 8.45 10.53 -1.08
C MET D 47 8.73 9.48 -2.17
N ILE D 48 9.11 8.26 -1.78
CA ILE D 48 9.32 7.12 -2.74
C ILE D 48 8.47 5.94 -2.28
N TYR D 49 7.77 5.28 -3.20
CA TYR D 49 6.94 4.08 -2.92
C TYR D 49 7.19 3.04 -4.00
N PHE D 50 6.99 1.75 -3.70
CA PHE D 50 7.37 0.65 -4.62
C PHE D 50 8.85 0.83 -4.95
N ALA D 51 9.66 1.01 -3.89
CA ALA D 51 11.13 1.05 -3.85
C ALA D 51 11.73 2.06 -4.85
N SER D 52 11.00 2.48 -5.89
CA SER D 52 11.58 3.20 -7.05
C SER D 52 10.67 4.30 -7.62
N LYS D 53 9.38 4.37 -7.28
CA LYS D 53 8.44 5.36 -7.88
C LYS D 53 8.39 6.64 -7.02
N ARG D 54 8.38 7.82 -7.65
CA ARG D 54 8.27 9.14 -6.96
C ARG D 54 6.80 9.48 -6.67
N TYR D 55 6.47 9.80 -5.41
CA TYR D 55 5.18 10.43 -5.03
C TYR D 55 5.23 11.87 -5.52
N ASN D 56 4.07 12.45 -5.77
CA ASN D 56 3.97 13.66 -6.61
C ASN D 56 4.24 14.91 -5.77
N GLY D 57 4.83 15.91 -6.39
CA GLY D 57 5.41 17.07 -5.70
C GLY D 57 6.70 16.70 -4.98
N VAL D 58 7.24 15.51 -5.24
CA VAL D 58 8.63 15.17 -4.83
C VAL D 58 9.55 15.58 -5.97
N PRO D 59 10.59 16.41 -5.71
CA PRO D 59 11.55 16.78 -6.74
C PRO D 59 12.31 15.53 -7.21
N ASP D 60 12.75 15.51 -8.47
CA ASP D 60 13.27 14.29 -9.13
C ASP D 60 14.76 14.07 -8.81
N ARG D 61 15.39 14.94 -8.02
CA ARG D 61 16.76 14.69 -7.47
C ARG D 61 16.69 13.50 -6.49
N PHE D 62 15.50 13.27 -5.93
CA PHE D 62 15.18 12.08 -5.08
C PHE D 62 14.90 10.88 -5.98
N THR D 63 15.42 9.72 -5.59
CA THR D 63 15.33 8.47 -6.39
C THR D 63 15.51 7.25 -5.49
N GLY D 64 14.82 6.16 -5.82
CA GLY D 64 14.96 4.87 -5.11
C GLY D 64 15.24 3.74 -6.08
N SER D 65 15.78 2.63 -5.58
CA SER D 65 15.91 1.37 -6.35
C SER D 65 15.90 0.18 -5.38
N GLY D 66 15.83 -1.04 -5.93
CA GLY D 66 15.99 -2.29 -5.19
C GLY D 66 14.91 -3.30 -5.49
N PHE D 67 15.16 -4.54 -5.11
CA PHE D 67 14.21 -5.69 -5.22
C PHE D 67 14.66 -6.82 -4.29
N GLY D 68 13.71 -7.63 -3.84
CA GLY D 68 13.97 -8.74 -2.90
C GLY D 68 14.28 -8.22 -1.52
N THR D 69 15.55 -8.19 -1.12
CA THR D 69 15.98 -7.93 0.28
C THR D 69 16.81 -6.65 0.40
N GLU D 70 17.24 -6.04 -0.71
CA GLU D 70 18.24 -4.94 -0.69
C GLU D 70 17.71 -3.74 -1.46
N PHE D 71 17.62 -2.58 -0.78
CA PHE D 71 16.96 -1.35 -1.29
C PHE D 71 17.76 -0.12 -0.87
N THR D 72 17.67 0.93 -1.70
CA THR D 72 18.47 2.17 -1.52
C THR D 72 17.60 3.40 -1.77
N PHE D 73 17.88 4.46 -1.00
CA PHE D 73 17.35 5.83 -1.16
C PHE D 73 18.49 6.77 -1.54
N THR D 74 18.37 7.50 -2.64
CA THR D 74 19.42 8.44 -3.11
C THR D 74 18.86 9.86 -3.21
N ILE D 75 19.61 10.82 -2.69
CA ILE D 75 19.43 12.27 -2.99
C ILE D 75 20.67 12.67 -3.78
N SER D 76 20.52 13.09 -5.03
CA SER D 76 21.63 13.65 -5.82
C SER D 76 21.54 15.18 -5.76
N THR D 77 22.65 15.87 -5.46
CA THR D 77 22.67 17.35 -5.36
C THR D 77 21.90 17.79 -4.11
N VAL D 78 22.21 17.17 -2.97
CA VAL D 78 21.63 17.53 -1.63
C VAL D 78 21.56 19.06 -1.51
N GLN D 79 20.54 19.59 -0.86
CA GLN D 79 20.44 21.05 -0.54
C GLN D 79 19.80 21.25 0.85
N ALA D 80 19.67 22.50 1.28
CA ALA D 80 19.38 22.93 2.67
C ALA D 80 18.01 22.44 3.16
N GLU D 81 16.99 22.46 2.29
CA GLU D 81 15.58 22.15 2.68
C GLU D 81 15.37 20.65 2.87
N ASP D 82 16.35 19.80 2.48
CA ASP D 82 16.28 18.32 2.59
C ASP D 82 16.73 17.86 3.99
N LEU D 83 17.15 18.77 4.86
CA LEU D 83 17.46 18.44 6.28
C LEU D 83 16.25 17.76 6.91
N ALA D 84 16.36 16.46 7.20
CA ALA D 84 15.24 15.62 7.69
C ALA D 84 15.76 14.29 8.24
N VAL D 85 14.87 13.50 8.84
CA VAL D 85 15.13 12.06 9.10
C VAL D 85 14.36 11.27 8.03
N TYR D 86 14.99 10.23 7.49
CA TYR D 86 14.43 9.38 6.40
C TYR D 86 14.16 7.98 6.97
N PHE D 87 13.01 7.38 6.63
CA PHE D 87 12.61 6.03 7.08
C PHE D 87 12.27 5.14 5.88
N CYS D 88 12.68 3.87 5.88
CA CYS D 88 12.11 2.82 4.99
C CYS D 88 10.98 2.12 5.75
N GLN D 89 10.12 1.39 5.03
CA GLN D 89 8.88 0.76 5.57
C GLN D 89 8.35 -0.26 4.56
N GLN D 90 7.95 -1.45 5.03
CA GLN D 90 7.54 -2.55 4.12
C GLN D 90 6.03 -2.78 4.20
N ASP D 91 5.38 -3.04 3.07
CA ASP D 91 3.95 -3.42 3.00
C ASP D 91 3.79 -4.92 2.70
N TYR D 92 4.85 -5.60 2.28
CA TYR D 92 4.78 -7.04 1.89
C TYR D 92 4.83 -7.91 3.15
N SER D 93 3.76 -7.92 3.95
CA SER D 93 3.61 -8.75 5.19
C SER D 93 2.55 -8.17 6.14
N SER D 94 2.75 -8.45 7.43
CA SER D 94 2.06 -7.84 8.57
C SER D 94 2.76 -8.38 9.81
N PRO D 95 3.06 -7.56 10.84
CA PRO D 95 2.77 -6.13 10.82
C PRO D 95 3.65 -5.42 9.80
N TRP D 96 3.18 -4.26 9.32
CA TRP D 96 3.99 -3.31 8.51
C TRP D 96 4.99 -2.66 9.45
N THR D 97 6.24 -2.57 9.03
CA THR D 97 7.38 -2.19 9.91
C THR D 97 8.22 -1.11 9.24
N PHE D 98 8.65 -0.12 10.03
CA PHE D 98 9.51 1.01 9.62
C PHE D 98 10.95 0.73 10.05
N GLY D 99 11.92 1.13 9.21
CA GLY D 99 13.36 1.08 9.54
C GLY D 99 13.70 2.00 10.69
N GLY D 100 14.94 1.93 11.19
CA GLY D 100 15.42 2.68 12.36
C GLY D 100 15.51 4.19 12.12
N GLY D 101 15.69 4.61 10.86
CA GLY D 101 15.79 6.02 10.46
C GLY D 101 17.23 6.46 10.24
N THR D 102 17.44 7.47 9.40
CA THR D 102 18.76 8.08 9.09
C THR D 102 18.63 9.60 9.16
N LYS D 103 19.28 10.24 10.13
CA LYS D 103 19.20 11.71 10.31
C LYS D 103 20.27 12.38 9.43
N LEU D 104 19.82 13.32 8.60
CA LEU D 104 20.69 14.08 7.66
C LEU D 104 21.09 15.41 8.31
N GLU D 105 22.38 15.72 8.24
CA GLU D 105 22.98 16.98 8.72
C GLU D 105 23.75 17.61 7.56
N ILE D 106 23.74 18.93 7.44
CA ILE D 106 24.35 19.67 6.30
C ILE D 106 25.70 20.25 6.73
N LYS D 107 26.78 19.81 6.08
CA LYS D 107 28.14 20.40 6.23
C LYS D 107 28.20 21.72 5.47
N ARG D 108 28.88 22.73 6.02
CA ARG D 108 29.02 24.09 5.42
C ARG D 108 30.31 24.75 5.95
N ALA D 109 30.26 26.05 6.29
CA ALA D 109 31.40 26.82 6.84
C ALA D 109 31.15 27.12 8.34
N ASP D 110 31.89 28.04 8.93
CA ASP D 110 31.70 28.44 10.34
C ASP D 110 30.94 29.77 10.39
N ALA D 111 30.19 29.98 11.47
CA ALA D 111 29.42 31.23 11.71
C ALA D 111 29.37 31.53 13.21
N ALA D 112 29.78 32.73 13.61
CA ALA D 112 29.71 33.22 15.01
C ALA D 112 28.26 33.54 15.33
N PRO D 113 27.82 33.34 16.60
CA PRO D 113 26.43 33.60 16.98
C PRO D 113 26.05 35.08 17.13
N THR D 114 24.77 35.39 16.87
CA THR D 114 24.10 36.66 17.19
C THR D 114 23.61 36.60 18.64
N VAL D 115 24.27 37.30 19.56
CA VAL D 115 24.03 37.17 21.03
C VAL D 115 23.18 38.34 21.51
N SER D 116 22.04 38.03 22.16
CA SER D 116 21.08 38.99 22.73
C SER D 116 20.77 38.58 24.17
N ILE D 117 20.80 39.54 25.11
CA ILE D 117 20.52 39.29 26.56
C ILE D 117 19.31 40.13 26.98
N PHE D 118 18.50 39.59 27.88
CA PHE D 118 17.20 40.19 28.31
C PHE D 118 17.07 40.13 29.83
N PRO D 119 16.85 41.27 30.52
CA PRO D 119 16.44 41.26 31.92
C PRO D 119 15.01 40.71 32.07
N PRO D 120 14.60 40.30 33.29
CA PRO D 120 13.21 39.88 33.53
C PRO D 120 12.19 40.96 33.14
N SER D 121 11.00 40.53 32.68
CA SER D 121 9.85 41.43 32.38
C SER D 121 9.20 41.87 33.70
N SER D 122 8.58 43.04 33.71
CA SER D 122 7.82 43.58 34.88
C SER D 122 6.63 42.67 35.19
N GLU D 123 6.08 41.97 34.18
CA GLU D 123 4.95 41.03 34.35
C GLU D 123 5.41 39.86 35.24
N GLN D 124 6.58 39.30 34.93
CA GLN D 124 7.18 38.17 35.71
C GLN D 124 7.52 38.67 37.12
N LEU D 125 8.09 39.86 37.25
CA LEU D 125 8.50 40.43 38.56
C LEU D 125 7.25 40.73 39.40
N THR D 126 6.19 41.27 38.78
CA THR D 126 4.86 41.52 39.40
C THR D 126 4.37 40.25 40.11
N SER D 127 4.51 39.09 39.46
CA SER D 127 3.98 37.78 39.95
C SER D 127 5.01 37.05 40.83
N GLY D 128 6.23 37.60 40.99
CA GLY D 128 7.18 37.22 42.07
C GLY D 128 8.39 36.42 41.58
N GLY D 129 8.52 36.18 40.27
CA GLY D 129 9.62 35.40 39.67
C GLY D 129 10.59 36.28 38.88
N ALA D 130 11.72 35.72 38.45
CA ALA D 130 12.77 36.44 37.69
C ALA D 130 13.57 35.47 36.83
N SER D 131 13.50 35.63 35.51
CA SER D 131 14.27 34.82 34.52
C SER D 131 15.10 35.76 33.63
N VAL D 132 16.39 35.45 33.47
CA VAL D 132 17.29 36.14 32.51
C VAL D 132 17.43 35.22 31.29
N VAL D 133 17.21 35.74 30.09
CA VAL D 133 17.25 34.93 28.84
C VAL D 133 18.36 35.45 27.92
N CYS D 134 19.08 34.52 27.31
CA CYS D 134 20.18 34.77 26.34
C CYS D 134 19.89 33.95 25.09
N PHE D 135 19.69 34.60 23.94
CA PHE D 135 19.55 33.95 22.61
C PHE D 135 20.91 34.02 21.89
N LEU D 136 21.41 32.89 21.43
CA LEU D 136 22.61 32.79 20.55
C LEU D 136 22.15 32.17 19.23
N ASN D 137 22.01 32.99 18.18
CA ASN D 137 21.25 32.62 16.96
C ASN D 137 22.15 32.50 15.73
N ASN D 138 21.81 31.53 14.86
CA ASN D 138 22.38 31.29 13.51
C ASN D 138 23.92 31.15 13.59
N PHE D 139 24.41 30.15 14.32
CA PHE D 139 25.86 29.83 14.45
C PHE D 139 26.15 28.42 13.92
N TYR D 140 27.43 28.12 13.67
CA TYR D 140 27.92 26.79 13.22
C TYR D 140 29.41 26.68 13.51
N PRO D 141 29.94 25.50 13.96
CA PRO D 141 29.15 24.29 14.22
C PRO D 141 28.30 24.30 15.50
N LYS D 142 27.55 23.22 15.73
CA LYS D 142 26.50 23.11 16.80
C LYS D 142 27.13 23.18 18.19
N ASP D 143 28.40 22.77 18.34
CA ASP D 143 29.13 22.71 19.64
C ASP D 143 29.35 24.14 20.13
N ILE D 144 28.78 24.49 21.29
CA ILE D 144 28.94 25.84 21.91
C ILE D 144 28.89 25.75 23.43
N ASN D 145 29.64 26.63 24.10
CA ASN D 145 29.67 26.75 25.58
C ASN D 145 29.08 28.12 25.95
N VAL D 146 27.98 28.12 26.70
CA VAL D 146 27.39 29.35 27.29
C VAL D 146 27.62 29.30 28.81
N LYS D 147 27.96 30.45 29.39
CA LYS D 147 28.27 30.58 30.83
C LYS D 147 27.56 31.84 31.36
N TRP D 148 26.98 31.75 32.56
CA TRP D 148 26.32 32.88 33.25
C TRP D 148 27.22 33.39 34.38
N LYS D 149 27.28 34.71 34.56
CA LYS D 149 28.03 35.35 35.67
C LYS D 149 27.18 36.45 36.32
N ILE D 150 27.14 36.44 37.66
CA ILE D 150 26.44 37.47 38.48
C ILE D 150 27.51 38.21 39.30
N ASP D 151 27.62 39.53 39.07
CA ASP D 151 28.69 40.39 39.66
C ASP D 151 30.06 39.74 39.46
N GLY D 152 30.31 39.23 38.24
CA GLY D 152 31.62 38.71 37.81
C GLY D 152 31.88 37.28 38.23
N SER D 153 31.00 36.68 39.05
CA SER D 153 31.17 35.32 39.63
C SER D 153 30.27 34.31 38.91
N GLU D 154 30.80 33.13 38.60
CA GLU D 154 30.10 32.10 37.77
C GLU D 154 28.92 31.50 38.55
N ARG D 155 27.82 31.21 37.84
CA ARG D 155 26.56 30.64 38.40
C ARG D 155 26.03 29.54 37.46
N GLN D 156 25.78 28.34 37.98
CA GLN D 156 25.37 27.16 37.17
C GLN D 156 23.94 26.71 37.52
N ASN D 157 23.48 26.90 38.76
CA ASN D 157 22.12 26.47 39.20
C ASN D 157 21.07 27.44 38.67
N GLY D 158 19.92 26.89 38.26
CA GLY D 158 18.77 27.65 37.72
C GLY D 158 18.89 27.91 36.22
N VAL D 159 19.97 27.43 35.58
CA VAL D 159 20.22 27.63 34.11
C VAL D 159 19.57 26.47 33.35
N LEU D 160 18.83 26.80 32.29
CA LEU D 160 18.12 25.81 31.42
C LEU D 160 18.43 26.14 29.95
N ASN D 161 19.05 25.19 29.24
CA ASN D 161 19.46 25.34 27.82
C ASN D 161 18.53 24.53 26.90
N SER D 162 18.36 25.01 25.67
CA SER D 162 17.63 24.33 24.58
C SER D 162 18.31 24.68 23.25
N TRP D 163 18.58 23.68 22.41
CA TRP D 163 19.04 23.87 21.02
C TRP D 163 17.87 23.68 20.06
N THR D 164 17.70 24.60 19.11
CA THR D 164 16.83 24.42 17.94
C THR D 164 17.46 23.38 17.02
N ASP D 165 16.64 22.73 16.21
CA ASP D 165 17.11 21.84 15.11
C ASP D 165 17.78 22.71 14.05
N GLN D 166 18.76 22.14 13.34
CA GLN D 166 19.49 22.82 12.25
C GLN D 166 18.48 23.33 11.21
N ASP D 167 18.72 24.53 10.69
CA ASP D 167 17.72 25.34 9.96
C ASP D 167 17.51 24.79 8.55
N SER D 168 16.27 24.84 8.06
CA SER D 168 15.85 24.36 6.72
C SER D 168 16.32 25.32 5.61
N LYS D 169 16.56 26.59 5.93
CA LYS D 169 16.94 27.64 4.95
C LYS D 169 18.47 27.73 4.85
N ASP D 170 19.17 27.94 5.98
CA ASP D 170 20.59 28.38 5.99
C ASP D 170 21.51 27.35 6.69
N SER D 171 20.97 26.26 7.24
CA SER D 171 21.75 25.15 7.85
C SER D 171 22.59 25.65 9.03
N THR D 172 22.14 26.67 9.76
CA THR D 172 22.76 27.14 11.03
C THR D 172 22.01 26.53 12.22
N TYR D 173 22.51 26.73 13.44
CA TYR D 173 21.87 26.34 14.71
C TYR D 173 21.57 27.61 15.52
N SER D 174 20.64 27.52 16.48
CA SER D 174 20.36 28.59 17.47
C SER D 174 20.19 27.96 18.86
N MET D 175 20.42 28.75 19.91
CA MET D 175 20.39 28.27 21.32
C MET D 175 19.70 29.30 22.21
N SER D 176 18.86 28.82 23.12
CA SER D 176 18.23 29.60 24.21
C SER D 176 18.83 29.19 25.55
N SER D 177 19.31 30.16 26.33
CA SER D 177 19.79 29.95 27.72
C SER D 177 18.91 30.76 28.68
N THR D 178 18.26 30.09 29.65
CA THR D 178 17.35 30.72 30.63
C THR D 178 17.86 30.50 32.06
N LEU D 179 18.31 31.58 32.70
CA LEU D 179 18.73 31.60 34.13
C LEU D 179 17.54 32.07 34.97
N THR D 180 16.91 31.14 35.71
CA THR D 180 15.79 31.46 36.64
C THR D 180 16.35 31.67 38.04
N LEU D 181 15.93 32.76 38.68
CA LEU D 181 16.32 33.15 40.06
C LEU D 181 15.05 33.48 40.85
N THR D 182 15.12 33.43 42.17
CA THR D 182 14.12 34.08 43.05
C THR D 182 14.22 35.59 42.79
N LYS D 183 13.12 36.32 42.92
CA LYS D 183 13.11 37.81 42.81
C LYS D 183 14.04 38.38 43.88
N ASP D 184 14.02 37.78 45.08
CA ASP D 184 14.97 38.05 46.20
C ASP D 184 16.39 38.18 45.64
N GLU D 185 16.89 37.10 45.05
CA GLU D 185 18.32 36.98 44.61
C GLU D 185 18.58 37.91 43.43
N TYR D 186 17.62 38.08 42.52
CA TYR D 186 17.76 39.00 41.35
C TYR D 186 18.06 40.41 41.86
N GLU D 187 17.29 40.89 42.84
CA GLU D 187 17.41 42.28 43.39
C GLU D 187 18.63 42.40 44.31
N ARG D 188 19.31 41.29 44.64
CA ARG D 188 20.46 41.24 45.58
C ARG D 188 21.78 41.51 44.84
N HIS D 189 21.79 41.44 43.51
CA HIS D 189 23.00 41.61 42.66
C HIS D 189 22.71 42.61 41.51
N ASN D 190 23.74 43.10 40.82
CA ASN D 190 23.61 44.23 39.86
C ASN D 190 23.98 43.82 38.44
N SER D 191 25.19 43.33 38.20
CA SER D 191 25.70 43.04 36.83
C SER D 191 25.43 41.57 36.47
N TYR D 192 24.80 41.33 35.32
CA TYR D 192 24.45 39.99 34.81
C TYR D 192 25.08 39.82 33.43
N THR D 193 25.83 38.73 33.22
CA THR D 193 26.67 38.51 32.01
C THR D 193 26.43 37.14 31.38
N CYS D 194 26.34 37.11 30.06
CA CYS D 194 26.20 35.92 29.19
C CYS D 194 27.48 35.81 28.34
N GLU D 195 28.25 34.74 28.52
CA GLU D 195 29.56 34.54 27.82
C GLU D 195 29.47 33.33 26.87
N ALA D 196 29.71 33.53 25.58
CA ALA D 196 29.68 32.48 24.53
C ALA D 196 31.11 32.06 24.17
N THR D 197 31.40 30.76 24.21
CA THR D 197 32.70 30.16 23.83
C THR D 197 32.51 29.25 22.62
N HIS D 198 33.06 29.66 21.47
CA HIS D 198 32.81 29.07 20.13
C HIS D 198 34.06 29.23 19.25
N LYS D 199 34.38 28.21 18.45
CA LYS D 199 35.70 28.07 17.75
C LYS D 199 35.95 29.22 16.76
N THR D 200 34.93 30.02 16.44
CA THR D 200 35.02 31.14 15.45
C THR D 200 35.88 32.29 15.99
N SER D 201 36.08 32.39 17.31
CA SER D 201 36.97 33.40 17.94
C SER D 201 37.53 32.85 19.26
N THR D 202 38.81 33.12 19.51
CA THR D 202 39.52 32.76 20.75
C THR D 202 39.02 33.63 21.91
N SER D 203 38.61 34.87 21.62
CA SER D 203 38.07 35.83 22.62
C SER D 203 36.57 35.58 22.78
N PRO D 204 36.08 35.20 23.99
CA PRO D 204 34.67 34.86 24.17
C PRO D 204 33.76 36.07 23.87
N ILE D 205 32.59 35.82 23.30
CA ILE D 205 31.56 36.88 23.03
C ILE D 205 30.82 37.16 24.33
N VAL D 206 30.91 38.40 24.83
CA VAL D 206 30.34 38.83 26.14
C VAL D 206 29.22 39.85 25.88
N LYS D 207 28.05 39.63 26.47
CA LYS D 207 26.91 40.58 26.49
C LYS D 207 26.41 40.69 27.94
N SER D 208 25.93 41.87 28.34
CA SER D 208 25.76 42.25 29.77
C SER D 208 24.63 43.28 29.95
N PHE D 209 24.22 43.48 31.21
CA PHE D 209 23.37 44.62 31.66
C PHE D 209 23.56 44.83 33.17
N ASN D 210 23.21 46.02 33.65
CA ASN D 210 23.13 46.36 35.09
C ASN D 210 21.66 46.55 35.49
N ARG D 211 21.22 45.87 36.54
CA ARG D 211 19.81 45.88 37.02
C ARG D 211 19.35 47.32 37.24
N GLY D 212 20.16 48.12 37.95
CA GLY D 212 19.82 49.50 38.36
C GLY D 212 20.09 50.54 37.27
N GLU D 213 19.94 50.16 36.00
CA GLU D 213 20.05 51.08 34.83
C GLU D 213 18.95 50.73 33.82
C1 P4S E . 9.97 -19.21 -42.22
C2 P4S E . 9.05 -18.97 -43.42
C3 P4S E . 7.90 -19.98 -43.54
C4 P4S E . 7.01 -19.95 -42.31
C5 P4S E . 7.64 -19.19 -41.14
C6 P4S E . 9.12 -19.48 -40.94
C7 P4S E . 9.19 -20.89 -40.37
O1 P4S E . 17.56 -24.04 -42.60
O2 P4S E . 19.47 -23.93 -43.79
O3 P4S E . 9.54 -18.60 -39.89
O4 P4S E . 5.78 -19.28 -42.64
C20 P4S E . 18.24 -23.77 -43.75
C19 P4S E . 16.24 -23.88 -42.51
C21 P4S E . 17.54 -23.33 -44.87
C22 P4S E . 16.15 -23.16 -44.80
C18 P4S E . 15.48 -23.44 -43.61
C17 P4S E . 13.99 -23.23 -43.56
C13 P4S E . 13.55 -21.90 -42.94
C23 P4S E . 14.65 -21.12 -42.22
C12 P4S E . 12.93 -21.05 -44.04
C11 P4S E . 12.08 -19.90 -43.50
C10 P4S E . 10.94 -20.35 -42.58
C P4S E . 10.74 -17.92 -42.01
C16 P4S E . 13.20 -24.34 -42.84
C15 P4S E . 12.29 -23.70 -41.80
O P4S E . 12.92 -22.95 -40.76
C14 P4S E . 12.47 -22.20 -41.90
C9 P4S E . 11.56 -21.06 -41.39
C8 P4S E . 10.55 -21.56 -40.36
C1 P4S F . 5.01 -24.35 -35.49
C2 P4S F . 5.03 -24.95 -34.08
C3 P4S F . 5.83 -24.17 -33.04
C4 P4S F . 5.46 -22.68 -32.98
C5 P4S F . 4.39 -22.35 -34.01
C6 P4S F . 4.75 -22.82 -35.41
C7 P4S F . 5.91 -21.98 -35.93
O1 P4S F . 10.75 -26.77 -41.99
O2 P4S F . 11.75 -28.71 -42.69
O3 P4S F . 3.60 -22.48 -36.19
O4 P4S F . 4.95 -22.33 -31.70
C20 P4S F . 11.32 -28.00 -41.75
C19 P4S F . 10.29 -26.02 -40.99
C21 P4S F . 11.41 -28.49 -40.44
C22 P4S F . 10.94 -27.72 -39.39
C18 P4S F . 10.37 -26.46 -39.65
C17 P4S F . 9.86 -25.67 -38.49
C13 P4S F . 8.32 -25.66 -38.33
C23 P4S F . 7.50 -26.19 -39.52
C12 P4S F . 7.93 -26.41 -37.07
C11 P4S F . 6.50 -26.13 -36.61
C10 P4S F . 6.34 -24.66 -36.23
C P4S F . 3.84 -25.04 -36.18
C16 P4S F . 10.38 -24.22 -38.46
C15 P4S F . 9.16 -23.32 -38.25
O P4S F . 8.17 -23.40 -39.27
C14 P4S F . 7.94 -24.21 -38.11
C9 P4S F . 6.56 -23.85 -37.53
C8 P4S F . 6.30 -22.35 -37.36
S SO4 G . -5.37 6.05 -4.55
O1 SO4 G . -4.52 5.33 -3.64
O2 SO4 G . -5.78 7.29 -3.93
O3 SO4 G . -6.53 5.27 -4.85
O4 SO4 G . -4.65 6.33 -5.76
#